data_6EM0
#
_entry.id   6EM0
#
_cell.length_a   154.570
_cell.length_b   130.960
_cell.length_c   79.080
_cell.angle_alpha   90.00
_cell.angle_beta   98.96
_cell.angle_gamma   90.00
#
_symmetry.space_group_name_H-M   'C 1 2 1'
#
loop_
_entity.id
_entity.type
_entity.pdbx_description
1 polymer 2-hydroxybiphenyl-3-monooxygenase
2 non-polymer 'FLAVIN-ADENINE DINUCLEOTIDE'
3 water water
#
_entity_poly.entity_id   1
_entity_poly.type   'polypeptide(L)'
_entity_poly.pdbx_seq_one_letter_code
;AETDVLIVGAGPAGAMSATLLASLGIRSLMINRWRSTSPGPRSHIINQRTMEILRDIGLEESAKSLAVPKEYMGEHVYAT
SLAGEEFGRIPAWASHPQAHAEHELASPSRYCDLPQLYFEPMVVSEAALRGADVRFLTEYLGHVEDQDGVTARLLDHVSG
AEYEVRAKYIIGADGAHSLVAQNAGLPFEGQMGIGDSGSINIEFSADLSSLCEHRKGDMYWMFRAGSGINGVGVAALRMI
RPWNKWICVWGYEKSKGTPEITKEEAKKIIHEIIGTDEIPVEVGPISTWTINQQYAVRNTSGRVFCMGDAVHRHTPAGGL
GLNTSVQDAYNLAWKLALVLKGTAAPTLLDSYDAERSPVAKQIVERAFKSLSTFPPVFEALSLPPAPTESEMAEALVRLK
DASEEGAKRRAALRKAMDATIIGLGGGHGVELNQRYVSRAVFPDGTPDPGFVRDQEFFYQASTRPGAHLPHVWLTENQRR
ISTLDLCGKGRFTLLTGLSGAAWKHEAEQVSQSLGIELKVCVIGPGQEFVDTYGEYAKISEIGESGALLVRPDMFIAFRA
KDASREGLEQLNVAVKSILGR
;
_entity_poly.pdbx_strand_id   A,B
#
loop_
_chem_comp.id
_chem_comp.type
_chem_comp.name
_chem_comp.formula
FAD non-polymer 'FLAVIN-ADENINE DINUCLEOTIDE' 'C27 H33 N9 O15 P2'
#
# COMPACT_ATOMS: atom_id res chain seq x y z
N ALA A 1 -16.46 0.98 35.08
CA ALA A 1 -15.59 -0.06 34.58
C ALA A 1 -14.29 0.48 34.10
N GLU A 2 -13.23 -0.29 34.30
CA GLU A 2 -11.90 0.12 33.89
C GLU A 2 -11.04 -1.07 33.48
N THR A 3 -10.74 -1.16 32.19
CA THR A 3 -9.91 -2.24 31.65
C THR A 3 -8.77 -1.65 30.83
N ASP A 4 -7.73 -2.45 30.60
CA ASP A 4 -6.59 -1.99 29.82
C ASP A 4 -6.87 -2.03 28.35
N VAL A 5 -7.69 -2.96 27.94
CA VAL A 5 -8.10 -3.13 26.54
C VAL A 5 -9.50 -3.70 26.38
N LEU A 6 -10.38 -2.89 25.80
CA LEU A 6 -11.75 -3.30 25.54
C LEU A 6 -11.71 -4.08 24.24
N ILE A 7 -12.27 -5.27 24.21
CA ILE A 7 -12.31 -6.06 23.00
C ILE A 7 -13.73 -6.20 22.57
N VAL A 8 -14.08 -5.59 21.47
CA VAL A 8 -15.40 -5.64 20.98
C VAL A 8 -15.41 -6.77 20.04
N GLY A 9 -16.11 -7.82 20.39
CA GLY A 9 -16.24 -9.02 19.59
C GLY A 9 -15.64 -10.25 20.22
N ALA A 10 -16.31 -11.38 20.12
CA ALA A 10 -15.78 -12.60 20.74
C ALA A 10 -15.64 -13.77 19.77
N GLY A 11 -15.54 -13.48 18.51
CA GLY A 11 -15.41 -14.48 17.54
C GLY A 11 -13.99 -14.87 17.59
N PRO A 12 -13.47 -15.41 16.50
CA PRO A 12 -12.07 -15.84 16.46
C PRO A 12 -11.02 -14.78 16.84
N ALA A 13 -11.04 -13.62 16.21
CA ALA A 13 -10.10 -12.57 16.52
C ALA A 13 -10.18 -12.04 17.94
N GLY A 14 -11.37 -11.82 18.45
CA GLY A 14 -11.54 -11.32 19.79
C GLY A 14 -11.17 -12.27 20.89
N ALA A 15 -11.58 -13.53 20.78
CA ALA A 15 -11.28 -14.56 21.72
C ALA A 15 -9.80 -14.82 21.84
N MET A 16 -9.14 -14.80 20.71
CA MET A 16 -7.74 -15.02 20.67
C MET A 16 -7.01 -13.91 21.29
N SER A 17 -7.47 -12.68 21.04
CA SER A 17 -6.84 -11.50 21.61
C SER A 17 -6.95 -11.53 23.12
N ALA A 18 -8.13 -11.90 23.62
CA ALA A 18 -8.34 -11.98 25.05
C ALA A 18 -7.54 -13.09 25.69
N THR A 19 -7.34 -14.18 25.02
CA THR A 19 -6.55 -15.23 25.58
C THR A 19 -5.07 -14.87 25.65
N LEU A 20 -4.55 -14.24 24.63
CA LEU A 20 -3.18 -13.87 24.63
C LEU A 20 -2.88 -12.78 25.54
N LEU A 21 -3.77 -11.82 25.68
CA LEU A 21 -3.54 -10.70 26.55
C LEU A 21 -3.53 -11.21 27.96
N ALA A 22 -4.50 -11.99 28.34
CA ALA A 22 -4.52 -12.55 29.63
C ALA A 22 -3.25 -13.30 29.91
N SER A 23 -2.85 -14.16 28.97
CA SER A 23 -1.64 -14.96 29.13
C SER A 23 -0.44 -14.06 29.41
N LEU A 24 -0.55 -12.80 28.99
CA LEU A 24 0.51 -11.83 29.19
C LEU A 24 0.26 -10.94 30.41
N GLY A 25 -0.74 -11.30 31.19
CA GLY A 25 -1.09 -10.56 32.39
C GLY A 25 -1.75 -9.21 32.14
N ILE A 26 -2.33 -8.98 30.99
CA ILE A 26 -2.95 -7.72 30.73
C ILE A 26 -4.42 -7.85 30.93
N ARG A 27 -4.97 -6.91 31.69
CA ARG A 27 -6.40 -6.91 32.00
C ARG A 27 -7.22 -6.51 30.79
N SER A 28 -8.12 -7.40 30.36
CA SER A 28 -8.96 -7.13 29.20
C SER A 28 -10.41 -7.56 29.35
N LEU A 29 -11.32 -6.69 28.89
CA LEU A 29 -12.75 -6.97 28.98
C LEU A 29 -13.36 -7.18 27.61
N MET A 30 -13.48 -8.44 27.20
CA MET A 30 -14.06 -8.78 25.90
C MET A 30 -15.59 -8.90 25.99
N ILE A 31 -16.26 -8.24 25.05
CA ILE A 31 -17.70 -8.26 24.99
C ILE A 31 -18.21 -8.89 23.71
N ASN A 32 -19.50 -9.16 23.68
CA ASN A 32 -20.14 -9.76 22.56
C ASN A 32 -21.62 -9.60 22.68
N ARG A 33 -22.22 -9.08 21.62
CA ARG A 33 -23.66 -8.80 21.57
C ARG A 33 -24.57 -10.02 21.78
N TRP A 34 -24.22 -11.14 21.15
CA TRP A 34 -25.06 -12.33 21.28
C TRP A 34 -25.02 -13.20 22.55
N ARG A 35 -25.96 -14.11 22.66
CA ARG A 35 -26.05 -15.03 23.79
C ARG A 35 -24.86 -15.99 23.77
N SER A 36 -24.86 -16.87 22.77
CA SER A 36 -23.82 -17.85 22.56
C SER A 36 -22.60 -17.33 21.82
N THR A 37 -21.80 -18.26 21.37
CA THR A 37 -20.70 -18.03 20.53
C THR A 37 -21.46 -18.39 19.29
N SER A 38 -20.94 -18.08 18.14
CA SER A 38 -21.64 -18.34 16.93
C SER A 38 -22.32 -19.67 16.83
N PRO A 39 -23.55 -19.69 16.18
CA PRO A 39 -24.19 -20.99 16.06
C PRO A 39 -23.79 -21.88 14.89
N GLY A 40 -23.88 -21.47 13.63
CA GLY A 40 -23.49 -22.27 12.49
C GLY A 40 -22.07 -22.70 12.56
N PRO A 41 -21.67 -23.61 11.68
CA PRO A 41 -20.29 -24.08 11.64
C PRO A 41 -19.36 -23.04 11.02
N ARG A 42 -19.91 -22.22 10.14
CA ARG A 42 -19.14 -21.17 9.47
C ARG A 42 -17.79 -21.69 9.00
N SER A 43 -16.74 -20.96 9.34
CA SER A 43 -15.43 -21.34 8.96
C SER A 43 -15.37 -22.92 9.78
N HIS A 44 -14.30 -23.43 8.81
CA HIS A 44 -13.96 -24.78 9.20
C HIS A 44 -12.50 -25.14 8.97
N ILE A 45 -11.87 -24.57 7.94
CA ILE A 45 -10.44 -24.93 7.70
C ILE A 45 -9.45 -24.30 8.66
N ILE A 46 -8.63 -25.10 9.33
CA ILE A 46 -7.64 -24.54 10.24
C ILE A 46 -6.27 -24.74 9.60
N ASN A 47 -5.62 -23.67 9.17
CA ASN A 47 -4.33 -23.78 8.55
C ASN A 47 -3.20 -23.93 9.54
N GLN A 48 -1.99 -24.17 9.05
CA GLN A 48 -0.83 -24.42 9.91
C GLN A 48 -0.51 -23.32 10.91
N ARG A 49 -0.55 -22.09 10.45
CA ARG A 49 -0.28 -20.95 11.27
C ARG A 49 -1.19 -20.82 12.47
N THR A 50 -2.47 -21.10 12.27
CA THR A 50 -3.46 -21.04 13.35
C THR A 50 -3.14 -22.16 14.33
N MET A 51 -2.74 -23.31 13.80
CA MET A 51 -2.39 -24.45 14.63
C MET A 51 -1.19 -24.08 15.48
N GLU A 52 -0.12 -23.63 14.83
CA GLU A 52 1.08 -23.22 15.53
C GLU A 52 0.70 -22.37 16.74
N ILE A 53 -0.10 -21.34 16.54
CA ILE A 53 -0.52 -20.46 17.61
C ILE A 53 -1.31 -21.17 18.66
N LEU A 54 -1.92 -22.28 18.32
CA LEU A 54 -2.69 -23.05 19.25
C LEU A 54 -1.70 -23.84 20.03
N ARG A 55 -0.67 -24.28 19.38
CA ARG A 55 0.36 -25.05 19.98
C ARG A 55 1.22 -24.25 20.97
N ASP A 56 1.49 -23.00 20.64
CA ASP A 56 2.25 -22.11 21.50
C ASP A 56 1.56 -21.89 22.84
N ILE A 57 0.27 -21.71 22.81
CA ILE A 57 -0.43 -21.49 24.03
C ILE A 57 -0.88 -22.74 24.75
N GLY A 58 -0.74 -23.86 24.11
CA GLY A 58 -1.14 -25.10 24.71
C GLY A 58 -2.52 -25.55 24.38
N LEU A 59 -3.06 -25.06 23.27
CA LEU A 59 -4.42 -25.43 22.85
C LEU A 59 -4.47 -26.29 21.59
N GLU A 60 -3.33 -26.82 21.16
CA GLU A 60 -3.30 -27.66 19.96
C GLU A 60 -3.89 -29.05 20.22
N GLU A 61 -3.47 -29.68 21.30
CA GLU A 61 -3.93 -30.99 21.64
C GLU A 61 -5.43 -31.03 21.78
N SER A 62 -6.05 -30.02 22.33
CA SER A 62 -7.47 -30.03 22.47
C SER A 62 -8.11 -29.78 21.14
N ALA A 63 -7.48 -28.94 20.35
CA ALA A 63 -7.94 -28.60 19.03
C ALA A 63 -7.93 -29.78 18.12
N LYS A 64 -6.93 -30.61 18.25
CA LYS A 64 -6.81 -31.78 17.45
C LYS A 64 -7.72 -32.87 17.83
N SER A 65 -8.25 -32.81 19.05
CA SER A 65 -9.16 -33.83 19.54
C SER A 65 -10.86 -33.80 19.47
N LEU A 66 -10.85 -32.29 18.75
CA LEU A 66 -12.17 -31.87 18.31
C LEU A 66 -12.21 -31.66 16.80
N ALA A 67 -11.14 -32.01 16.09
CA ALA A 67 -11.15 -31.83 14.66
C ALA A 67 -11.09 -33.07 13.81
N VAL A 68 -11.37 -32.90 12.56
CA VAL A 68 -11.24 -33.98 11.66
C VAL A 68 -9.82 -33.76 11.23
N PRO A 69 -9.11 -34.82 11.01
CA PRO A 69 -7.73 -34.64 10.67
C PRO A 69 -7.57 -34.59 9.20
N LYS A 70 -6.33 -34.33 8.79
CA LYS A 70 -5.95 -34.19 7.39
C LYS A 70 -6.24 -35.40 6.52
N GLU A 71 -6.25 -36.58 7.07
CA GLU A 71 -6.51 -37.75 6.29
C GLU A 71 -7.93 -38.00 5.84
N TYR A 72 -8.83 -37.13 6.21
CA TYR A 72 -10.22 -37.26 5.90
C TYR A 72 -10.78 -36.15 5.10
N MET A 73 -9.90 -35.27 4.62
CA MET A 73 -10.32 -34.13 3.81
C MET A 73 -9.40 -33.96 2.61
N GLY A 74 -9.09 -35.07 1.95
CA GLY A 74 -8.22 -35.05 0.79
C GLY A 74 -8.92 -35.41 -0.50
N GLU A 75 -10.12 -35.97 -0.38
CA GLU A 75 -10.89 -36.37 -1.55
C GLU A 75 -11.97 -35.36 -1.94
N HIS A 76 -11.63 -34.45 -2.85
CA HIS A 76 -12.56 -33.45 -3.32
C HIS A 76 -13.27 -34.00 -4.55
N VAL A 77 -14.53 -34.38 -4.40
CA VAL A 77 -15.25 -34.98 -5.52
C VAL A 77 -16.25 -34.09 -6.27
N TYR A 78 -16.01 -33.94 -7.57
CA TYR A 78 -16.89 -33.19 -8.45
C TYR A 78 -17.87 -34.19 -9.07
N ALA A 79 -19.16 -34.04 -8.82
CA ALA A 79 -20.16 -34.98 -9.35
C ALA A 79 -21.49 -34.38 -9.78
N THR A 80 -22.49 -35.21 -10.01
CA THR A 80 -23.81 -34.73 -10.39
C THR A 80 -24.54 -34.64 -9.10
N SER A 81 -24.37 -35.67 -8.31
CA SER A 81 -24.97 -35.75 -6.98
C SER A 81 -24.05 -36.64 -6.15
N LEU A 82 -24.35 -36.79 -4.89
CA LEU A 82 -23.52 -37.63 -4.10
C LEU A 82 -23.66 -39.05 -4.57
N ALA A 83 -24.88 -39.50 -4.79
CA ALA A 83 -25.10 -40.86 -5.20
C ALA A 83 -25.03 -41.08 -6.69
N GLY A 84 -24.62 -40.02 -7.39
CA GLY A 84 -24.50 -40.08 -8.84
C GLY A 84 -23.12 -40.51 -9.30
N GLU A 85 -22.80 -40.09 -10.51
CA GLU A 85 -21.55 -40.42 -11.14
C GLU A 85 -20.68 -39.20 -11.00
N GLU A 86 -19.39 -39.42 -10.87
CA GLU A 86 -18.50 -38.30 -10.70
C GLU A 86 -17.92 -37.78 -11.94
N PHE A 87 -17.47 -36.55 -11.90
CA PHE A 87 -16.79 -36.05 -13.06
C PHE A 87 -15.32 -36.28 -12.87
N GLY A 88 -14.87 -36.08 -11.64
CA GLY A 88 -13.47 -36.25 -11.28
C GLY A 88 -13.20 -35.74 -9.88
N ARG A 89 -12.00 -35.98 -9.39
CA ARG A 89 -11.59 -35.52 -8.10
C ARG A 89 -10.31 -34.79 -8.15
N ILE A 90 -10.05 -33.97 -7.14
CA ILE A 90 -8.78 -33.27 -7.02
C ILE A 90 -8.24 -33.50 -5.62
N PRO A 91 -6.92 -33.50 -5.47
CA PRO A 91 -6.31 -33.70 -4.16
C PRO A 91 -6.39 -32.42 -3.34
N ALA A 92 -7.49 -32.23 -2.62
CA ALA A 92 -7.69 -31.03 -1.82
C ALA A 92 -6.97 -31.07 -0.48
N TRP A 93 -6.62 -29.92 0.02
CA TRP A 93 -5.95 -29.80 1.26
C TRP A 93 -4.69 -30.61 1.31
N ALA A 94 -3.81 -30.36 0.37
CA ALA A 94 -2.50 -30.98 0.25
C ALA A 94 -2.44 -32.47 0.41
N SER A 95 -3.44 -33.17 -0.12
CA SER A 95 -3.49 -34.61 -0.05
C SER A 95 -2.39 -35.23 -0.91
N HIS A 96 -2.21 -34.75 -2.13
CA HIS A 96 -1.19 -35.26 -3.03
C HIS A 96 0.09 -35.41 -2.31
N PRO A 97 0.71 -36.64 -2.48
CA PRO A 97 1.97 -36.81 -1.75
C PRO A 97 3.03 -35.70 -1.80
N GLN A 98 3.10 -34.99 -2.89
CA GLN A 98 4.08 -33.93 -3.08
C GLN A 98 3.64 -32.77 -2.21
N ALA A 99 2.38 -32.40 -2.35
CA ALA A 99 1.81 -31.30 -1.57
C ALA A 99 1.86 -31.60 -0.07
N HIS A 100 1.68 -32.87 0.28
CA HIS A 100 1.73 -33.28 1.69
C HIS A 100 3.13 -33.08 2.26
N ALA A 101 4.16 -33.35 1.48
CA ALA A 101 5.53 -33.23 1.93
C ALA A 101 5.91 -31.82 2.14
N GLU A 102 5.50 -30.97 1.19
CA GLU A 102 5.80 -29.55 1.28
C GLU A 102 5.07 -28.99 2.50
N HIS A 103 3.93 -29.53 2.83
CA HIS A 103 3.10 -29.16 3.97
C HIS A 103 3.78 -29.51 5.25
N GLU A 104 4.13 -30.77 5.37
CA GLU A 104 4.84 -31.35 6.49
C GLU A 104 6.19 -30.73 6.72
N LEU A 105 6.84 -30.22 5.71
CA LEU A 105 8.13 -29.62 5.95
C LEU A 105 8.07 -28.18 6.38
N ALA A 106 6.94 -27.53 6.19
CA ALA A 106 6.80 -26.14 6.52
C ALA A 106 6.41 -25.85 7.91
N SER A 107 5.99 -26.85 8.67
CA SER A 107 5.59 -26.58 10.04
C SER A 107 5.28 -27.85 10.78
N PRO A 108 5.29 -27.84 12.08
CA PRO A 108 4.97 -29.05 12.79
C PRO A 108 3.45 -29.36 12.93
N SER A 109 2.59 -28.48 12.45
CA SER A 109 1.17 -28.69 12.53
C SER A 109 0.66 -29.04 11.19
N ARG A 110 -0.63 -29.25 11.05
CA ARG A 110 -1.19 -29.67 9.77
C ARG A 110 -2.68 -29.37 9.68
N TYR A 111 -3.17 -29.15 8.46
CA TYR A 111 -4.58 -28.85 8.24
C TYR A 111 -5.46 -29.80 9.06
N CYS A 112 -6.60 -29.30 9.51
CA CYS A 112 -7.49 -30.05 10.26
C CYS A 112 -8.78 -29.44 9.99
N ASP A 113 -9.76 -30.18 10.34
CA ASP A 113 -11.10 -29.65 10.12
C ASP A 113 -11.86 -29.35 11.40
N LEU A 114 -11.89 -28.09 11.81
CA LEU A 114 -12.63 -27.71 13.02
C LEU A 114 -13.59 -26.55 12.81
N PRO A 115 -14.88 -26.85 12.85
CA PRO A 115 -15.92 -25.84 12.67
C PRO A 115 -15.87 -24.77 13.76
N GLN A 116 -16.25 -23.55 13.40
CA GLN A 116 -16.27 -22.43 14.31
C GLN A 116 -17.15 -22.69 15.48
N LEU A 117 -18.19 -23.49 15.26
CA LEU A 117 -19.13 -23.81 16.33
C LEU A 117 -18.45 -24.43 17.55
N TYR A 118 -17.35 -25.14 17.33
CA TYR A 118 -16.63 -25.78 18.43
C TYR A 118 -15.36 -25.05 18.79
N PHE A 119 -14.79 -24.35 17.82
CA PHE A 119 -13.57 -23.60 18.00
C PHE A 119 -13.79 -22.35 18.80
N GLU A 120 -14.93 -21.72 18.62
CA GLU A 120 -15.18 -20.52 19.30
C GLU A 120 -15.14 -20.68 20.80
N PRO A 121 -15.97 -21.54 21.31
CA PRO A 121 -16.08 -21.75 22.74
C PRO A 121 -14.89 -22.31 23.46
N MET A 122 -14.05 -22.98 22.75
CA MET A 122 -12.79 -23.52 23.26
C MET A 122 -11.87 -22.36 23.60
N VAL A 123 -11.83 -21.34 22.78
CA VAL A 123 -10.99 -20.18 22.95
C VAL A 123 -11.60 -19.17 23.90
N VAL A 124 -12.90 -19.01 23.90
CA VAL A 124 -13.55 -18.08 24.81
C VAL A 124 -13.39 -18.54 26.26
N SER A 125 -13.58 -19.84 26.49
CA SER A 125 -13.47 -20.41 27.82
C SER A 125 -12.04 -20.34 28.35
N GLU A 126 -11.06 -20.42 27.44
CA GLU A 126 -9.66 -20.37 27.82
C GLU A 126 -9.22 -18.95 28.18
N ALA A 127 -9.81 -17.97 27.50
CA ALA A 127 -9.51 -16.58 27.75
C ALA A 127 -9.98 -16.22 29.15
N ALA A 128 -11.18 -16.70 29.50
CA ALA A 128 -11.73 -16.44 30.83
C ALA A 128 -10.85 -17.07 31.90
N LEU A 129 -10.50 -18.33 31.69
CA LEU A 129 -9.66 -19.08 32.62
C LEU A 129 -8.30 -18.40 32.80
N ARG A 130 -7.76 -17.87 31.74
CA ARG A 130 -6.48 -17.21 31.79
C ARG A 130 -6.54 -15.86 32.44
N GLY A 131 -7.73 -15.40 32.73
CA GLY A 131 -7.92 -14.17 33.50
C GLY A 131 -8.45 -13.00 32.72
N ALA A 132 -9.14 -13.27 31.61
CA ALA A 132 -9.71 -12.22 30.78
C ALA A 132 -11.21 -12.12 31.03
N ASP A 133 -11.67 -10.94 31.42
CA ASP A 133 -13.09 -10.73 31.69
C ASP A 133 -13.87 -10.92 30.39
N VAL A 134 -14.93 -11.70 30.46
CA VAL A 134 -15.76 -11.96 29.29
C VAL A 134 -17.17 -11.51 29.63
N ARG A 135 -17.92 -11.11 28.65
CA ARG A 135 -19.24 -10.65 28.90
C ARG A 135 -20.04 -10.55 27.66
N PHE A 136 -20.95 -11.47 27.46
CA PHE A 136 -21.82 -11.51 26.29
C PHE A 136 -23.06 -10.68 26.57
N LEU A 137 -23.96 -10.64 25.62
CA LEU A 137 -25.16 -9.87 25.72
C LEU A 137 -24.89 -8.44 26.15
N THR A 138 -23.84 -7.88 25.61
CA THR A 138 -23.43 -6.56 25.89
C THR A 138 -22.97 -6.07 24.57
N GLU A 139 -23.53 -4.97 24.13
CA GLU A 139 -23.15 -4.43 22.86
C GLU A 139 -22.48 -3.11 22.96
N TYR A 140 -21.53 -2.92 22.07
CA TYR A 140 -20.80 -1.70 21.98
C TYR A 140 -21.67 -0.81 21.16
N LEU A 141 -21.70 0.46 21.57
CA LEU A 141 -22.51 1.46 20.89
C LEU A 141 -21.65 2.57 20.28
N GLY A 142 -20.55 2.92 20.96
CA GLY A 142 -19.70 3.96 20.43
C GLY A 142 -18.67 4.26 21.47
N HIS A 143 -17.78 5.17 21.11
CA HIS A 143 -16.70 5.56 21.98
C HIS A 143 -16.25 6.95 21.60
N VAL A 144 -15.49 7.52 22.53
CA VAL A 144 -14.91 8.83 22.42
C VAL A 144 -13.48 8.73 22.85
N GLU A 145 -12.55 9.02 21.96
CA GLU A 145 -11.14 8.98 22.29
C GLU A 145 -10.62 10.28 22.85
N ASP A 146 -9.59 10.26 23.77
CA ASP A 146 -9.06 11.35 24.54
C ASP A 146 -7.59 11.06 24.79
N GLN A 147 -6.83 11.81 25.21
CA GLN A 147 -5.41 11.54 25.09
C GLN A 147 -4.89 10.48 25.97
N ASP A 148 -5.64 10.08 26.99
CA ASP A 148 -5.14 9.07 27.94
C ASP A 148 -5.80 7.69 27.86
N GLY A 149 -6.85 7.57 27.05
CA GLY A 149 -7.53 6.31 26.90
C GLY A 149 -8.85 6.54 26.19
N VAL A 150 -9.77 5.61 26.29
CA VAL A 150 -11.03 5.77 25.62
C VAL A 150 -12.13 5.40 26.56
N THR A 151 -13.32 5.89 26.30
CA THR A 151 -14.46 5.64 27.11
C THR A 151 -15.38 5.16 26.05
N ALA A 152 -16.13 4.14 26.37
CA ALA A 152 -17.05 3.59 25.45
C ALA A 152 -18.32 3.32 26.16
N ARG A 153 -19.42 3.33 25.43
CA ARG A 153 -20.74 3.14 25.95
C ARG A 153 -21.25 1.79 25.63
N LEU A 154 -21.72 1.11 26.63
CA LEU A 154 -22.22 -0.25 26.48
C LEU A 154 -23.66 -0.45 26.85
N LEU A 155 -24.37 -1.25 26.05
CA LEU A 155 -25.76 -1.56 26.30
C LEU A 155 -25.81 -2.99 26.82
N ASP A 156 -26.42 -3.25 27.95
CA ASP A 156 -26.48 -4.58 28.51
C ASP A 156 -27.81 -5.19 28.24
N HIS A 157 -27.86 -6.20 27.40
CA HIS A 157 -29.10 -6.86 27.06
C HIS A 157 -29.69 -7.80 28.07
N VAL A 158 -29.11 -7.80 29.25
CA VAL A 158 -29.60 -8.60 30.30
C VAL A 158 -30.35 -7.72 31.30
N SER A 159 -29.73 -6.66 31.76
CA SER A 159 -30.38 -5.75 32.68
C SER A 159 -31.07 -4.57 32.01
N GLY A 160 -30.71 -4.31 30.76
CA GLY A 160 -31.26 -3.20 30.04
C GLY A 160 -30.53 -1.93 30.35
N ALA A 161 -29.51 -2.05 31.18
CA ALA A 161 -28.73 -0.94 31.59
C ALA A 161 -27.76 -0.51 30.56
N GLU A 162 -27.21 0.69 30.77
CA GLU A 162 -26.23 1.28 29.88
C GLU A 162 -25.07 1.72 30.76
N TYR A 163 -23.85 1.51 30.32
CA TYR A 163 -22.70 1.89 31.13
C TYR A 163 -21.45 2.18 30.30
N GLU A 164 -20.50 2.85 30.95
CA GLU A 164 -19.26 3.23 30.33
C GLU A 164 -18.13 2.37 30.86
N VAL A 165 -17.10 2.20 30.06
CA VAL A 165 -15.93 1.43 30.39
C VAL A 165 -14.78 2.29 29.98
N ARG A 166 -13.80 2.47 30.84
CA ARG A 166 -12.65 3.26 30.51
C ARG A 166 -11.54 2.33 30.19
N ALA A 167 -10.93 2.49 29.05
CA ALA A 167 -9.85 1.62 28.65
C ALA A 167 -8.73 2.38 27.99
N LYS A 168 -7.55 1.80 27.95
CA LYS A 168 -6.42 2.45 27.31
C LYS A 168 -6.53 2.27 25.80
N TYR A 169 -6.87 1.06 25.38
CA TYR A 169 -7.04 0.79 23.97
C TYR A 169 -8.28 0.02 23.73
N ILE A 170 -8.72 0.01 22.49
CA ILE A 170 -9.84 -0.75 22.09
C ILE A 170 -9.38 -1.60 20.94
N ILE A 171 -9.84 -2.84 20.89
CA ILE A 171 -9.58 -3.73 19.76
C ILE A 171 -10.91 -3.96 19.05
N GLY A 172 -11.02 -3.49 17.82
CA GLY A 172 -12.25 -3.66 17.06
C GLY A 172 -12.37 -5.00 16.37
N ALA A 173 -12.73 -6.04 17.09
CA ALA A 173 -12.88 -7.33 16.48
C ALA A 173 -14.36 -7.59 16.35
N ASP A 174 -15.10 -6.61 15.82
CA ASP A 174 -16.56 -6.70 15.70
C ASP A 174 -17.20 -7.18 14.39
N GLY A 175 -16.43 -7.82 13.52
CA GLY A 175 -16.94 -8.33 12.26
C GLY A 175 -17.05 -7.50 11.01
N ALA A 176 -17.73 -8.10 10.04
CA ALA A 176 -17.94 -7.49 8.73
C ALA A 176 -18.57 -6.12 8.79
N HIS A 177 -19.41 -5.79 9.75
CA HIS A 177 -19.96 -4.46 9.78
C HIS A 177 -19.52 -3.79 11.01
N SER A 178 -18.21 -3.76 11.19
CA SER A 178 -17.58 -3.17 12.37
C SER A 178 -18.05 -1.77 12.71
N LEU A 179 -18.73 -1.58 13.81
CA LEU A 179 -19.13 -0.25 14.17
C LEU A 179 -17.91 0.42 14.70
N VAL A 180 -16.93 -0.38 15.10
CA VAL A 180 -15.67 0.15 15.61
C VAL A 180 -14.82 0.73 14.48
N ALA A 181 -14.92 0.11 13.30
CA ALA A 181 -14.18 0.57 12.13
C ALA A 181 -14.79 1.88 11.64
N GLN A 182 -16.12 1.92 11.58
CA GLN A 182 -16.84 3.11 11.13
C GLN A 182 -16.62 4.33 12.02
N ASN A 183 -16.47 4.08 13.32
CA ASN A 183 -16.26 5.15 14.29
C ASN A 183 -14.84 5.65 14.22
N ALA A 184 -13.90 4.73 14.01
CA ALA A 184 -12.49 5.08 13.91
C ALA A 184 -12.19 5.71 12.55
N GLY A 185 -13.12 5.61 11.62
CA GLY A 185 -12.96 6.18 10.29
C GLY A 185 -11.98 5.48 9.37
N LEU A 186 -11.83 4.17 9.50
CA LEU A 186 -10.87 3.45 8.65
C LEU A 186 -11.27 3.34 7.17
N PRO A 187 -10.40 3.80 6.28
CA PRO A 187 -10.65 3.73 4.84
C PRO A 187 -10.64 2.29 4.33
N PHE A 188 -11.64 1.97 3.50
CA PHE A 188 -11.80 0.67 2.89
C PHE A 188 -11.64 0.75 1.38
N GLU A 189 -11.04 -0.28 0.81
CA GLU A 189 -10.82 -0.29 -0.63
C GLU A 189 -11.11 -1.64 -1.29
N GLY A 190 -11.00 -1.62 -2.60
CA GLY A 190 -11.23 -2.75 -3.46
C GLY A 190 -12.60 -3.32 -3.34
N GLN A 191 -13.61 -2.45 -3.28
CA GLN A 191 -14.99 -2.90 -3.18
C GLN A 191 -15.44 -3.68 -4.41
N MET A 192 -14.69 -3.50 -5.50
CA MET A 192 -14.96 -4.21 -6.80
C MET A 192 -14.86 -5.62 -6.30
N GLY A 193 -16.03 -6.24 -6.16
CA GLY A 193 -16.13 -7.61 -5.69
C GLY A 193 -17.30 -7.96 -6.47
N ILE A 194 -17.30 -7.37 -7.65
CA ILE A 194 -18.42 -7.53 -8.58
C ILE A 194 -19.41 -6.96 -7.75
N GLY A 195 -20.80 -7.74 -8.20
CA GLY A 195 -22.11 -7.36 -7.70
C GLY A 195 -22.23 -8.08 -6.37
N ASP A 196 -22.58 -7.38 -5.31
CA ASP A 196 -22.66 -7.99 -3.97
C ASP A 196 -23.58 -9.22 -3.92
N SER A 197 -22.95 -10.37 -3.71
CA SER A 197 -23.55 -11.69 -3.76
C SER A 197 -23.45 -12.41 -2.42
N GLY A 198 -24.44 -13.26 -2.14
CA GLY A 198 -24.49 -14.01 -0.93
C GLY A 198 -24.53 -15.51 -1.22
N SER A 199 -24.67 -16.27 -0.14
CA SER A 199 -24.74 -17.71 -0.19
C SER A 199 -25.82 -18.15 0.77
N ILE A 200 -26.37 -19.31 0.51
CA ILE A 200 -27.36 -19.83 1.40
C ILE A 200 -26.91 -21.16 1.92
N ASN A 201 -26.90 -21.30 3.23
CA ASN A 201 -26.46 -22.52 3.88
C ASN A 201 -27.52 -23.25 4.65
N ILE A 202 -27.51 -24.58 4.56
CA ILE A 202 -28.49 -25.41 5.24
C ILE A 202 -27.86 -26.64 5.88
N GLU A 203 -28.17 -26.80 7.15
CA GLU A 203 -27.67 -27.87 7.95
C GLU A 203 -28.67 -28.97 7.97
N PHE A 204 -28.19 -30.19 7.97
CA PHE A 204 -29.08 -31.32 8.01
C PHE A 204 -28.27 -32.52 8.42
N SER A 205 -28.92 -33.50 8.99
CA SER A 205 -28.30 -34.72 9.50
C SER A 205 -28.73 -35.95 8.70
N ALA A 206 -27.77 -36.73 8.30
CA ALA A 206 -28.08 -37.97 7.66
C ALA A 206 -26.86 -38.83 7.82
N ASP A 207 -27.00 -40.11 7.59
CA ASP A 207 -25.89 -41.01 7.75
C ASP A 207 -25.50 -41.38 6.36
N LEU A 208 -24.56 -40.64 5.79
CA LEU A 208 -24.14 -40.89 4.41
C LEU A 208 -22.74 -41.46 4.37
N SER A 209 -22.38 -42.23 5.38
CA SER A 209 -21.05 -42.82 5.42
C SER A 209 -20.87 -43.84 4.29
N SER A 210 -21.97 -44.45 3.86
CA SER A 210 -21.93 -45.45 2.81
C SER A 210 -21.51 -44.82 1.48
N LEU A 211 -21.66 -43.51 1.39
CA LEU A 211 -21.29 -42.79 0.18
C LEU A 211 -20.18 -41.77 0.45
N CYS A 212 -19.37 -42.06 1.47
CA CYS A 212 -18.27 -41.17 1.85
C CYS A 212 -17.08 -42.03 2.28
N GLU A 213 -17.29 -42.87 3.29
CA GLU A 213 -16.23 -43.74 3.81
C GLU A 213 -15.15 -44.23 2.83
N HIS A 214 -15.52 -44.62 1.63
CA HIS A 214 -14.55 -45.13 0.67
C HIS A 214 -13.84 -44.07 -0.07
N ARG A 215 -14.28 -42.83 0.07
CA ARG A 215 -13.67 -41.70 -0.60
C ARG A 215 -13.73 -40.47 0.31
N LYS A 216 -13.16 -40.59 1.50
CA LYS A 216 -13.14 -39.54 2.53
C LYS A 216 -12.77 -38.14 2.08
N GLY A 217 -13.75 -37.25 2.10
CA GLY A 217 -13.53 -35.90 1.66
C GLY A 217 -14.23 -34.80 2.39
N ASP A 218 -13.49 -33.72 2.60
CA ASP A 218 -13.95 -32.52 3.28
C ASP A 218 -15.17 -31.90 2.66
N MET A 219 -15.26 -32.04 1.33
CA MET A 219 -16.39 -31.48 0.60
C MET A 219 -16.73 -32.25 -0.66
N TYR A 220 -18.01 -32.31 -1.01
CA TYR A 220 -18.44 -32.97 -2.22
C TYR A 220 -19.20 -31.96 -2.99
N TRP A 221 -18.64 -31.53 -4.07
CA TRP A 221 -19.27 -30.56 -4.97
C TRP A 221 -20.22 -31.19 -5.99
N MET A 222 -21.32 -30.49 -6.24
CA MET A 222 -22.34 -30.94 -7.20
C MET A 222 -22.65 -29.96 -8.31
N PHE A 223 -22.59 -30.44 -9.55
CA PHE A 223 -22.89 -29.64 -10.70
C PHE A 223 -24.25 -30.15 -11.14
N VAL A 232 -28.45 -26.84 -10.25
CA VAL A 232 -27.59 -27.30 -9.16
C VAL A 232 -26.49 -26.28 -8.87
N GLY A 233 -26.16 -25.46 -9.87
CA GLY A 233 -25.13 -24.45 -9.71
C GLY A 233 -23.95 -25.10 -9.07
N VAL A 234 -23.07 -24.41 -8.41
CA VAL A 234 -22.04 -25.21 -7.76
C VAL A 234 -22.43 -25.39 -6.30
N ALA A 235 -23.23 -26.42 -6.02
CA ALA A 235 -23.68 -26.64 -4.68
C ALA A 235 -22.49 -27.19 -3.98
N ALA A 236 -22.64 -27.62 -2.72
CA ALA A 236 -21.51 -28.17 -1.99
C ALA A 236 -21.90 -28.91 -0.72
N LEU A 237 -21.55 -30.20 -0.66
CA LEU A 237 -21.83 -31.01 0.51
C LEU A 237 -20.60 -30.92 1.41
N ARG A 238 -20.71 -30.13 2.47
CA ARG A 238 -19.58 -29.93 3.39
C ARG A 238 -19.83 -30.77 4.59
N MET A 239 -18.81 -31.45 5.07
CA MET A 239 -18.99 -32.28 6.23
C MET A 239 -18.79 -31.48 7.48
N ILE A 240 -19.58 -31.76 8.52
CA ILE A 240 -19.47 -31.08 9.79
C ILE A 240 -18.91 -32.06 10.80
N ARG A 241 -19.40 -33.29 10.72
CA ARG A 241 -18.99 -34.40 11.57
C ARG A 241 -19.13 -35.63 10.69
N PRO A 242 -18.05 -36.39 10.52
CA PRO A 242 -18.13 -37.56 9.63
C PRO A 242 -18.85 -38.79 10.14
N TRP A 243 -19.87 -39.27 9.45
CA TRP A 243 -20.38 -38.65 8.21
C TRP A 243 -21.88 -38.48 8.38
N ASN A 244 -22.26 -38.08 9.58
CA ASN A 244 -23.65 -37.87 9.99
C ASN A 244 -24.14 -36.42 9.98
N LYS A 245 -23.23 -35.44 10.05
CA LYS A 245 -23.64 -34.04 10.04
C LYS A 245 -23.21 -33.36 8.76
N TRP A 246 -24.10 -32.58 8.13
CA TRP A 246 -23.84 -31.92 6.86
C TRP A 246 -24.37 -30.54 6.71
N ILE A 247 -24.13 -29.99 5.54
CA ILE A 247 -24.57 -28.68 5.20
C ILE A 247 -24.45 -28.53 3.70
N CYS A 248 -25.38 -27.82 3.07
CA CYS A 248 -25.28 -27.59 1.65
C CYS A 248 -25.10 -26.13 1.53
N VAL A 249 -24.40 -25.74 0.51
CA VAL A 249 -24.16 -24.37 0.27
C VAL A 249 -24.29 -24.17 -1.19
N TRP A 250 -24.88 -22.94 -1.44
CA TRP A 250 -24.91 -22.57 -2.84
C TRP A 250 -25.10 -21.09 -3.01
N GLY A 251 -25.27 -20.67 -4.30
CA GLY A 251 -25.37 -19.25 -4.48
C GLY A 251 -26.79 -18.91 -4.79
N PRO A 259 -32.28 -12.61 3.36
CA PRO A 259 -32.15 -12.43 1.91
C PRO A 259 -32.62 -13.67 1.15
N GLU A 260 -33.27 -14.60 1.84
CA GLU A 260 -33.77 -15.82 1.23
C GLU A 260 -34.54 -16.66 2.23
N ILE A 261 -35.64 -17.17 1.73
CA ILE A 261 -36.55 -17.93 2.52
C ILE A 261 -36.66 -19.29 1.96
N THR A 262 -36.68 -20.31 2.79
CA THR A 262 -36.89 -21.64 2.26
C THR A 262 -37.61 -22.44 3.31
N LYS A 263 -38.24 -23.55 2.92
CA LYS A 263 -38.98 -24.37 3.87
C LYS A 263 -38.67 -25.85 3.75
N GLU A 264 -39.62 -26.68 4.15
CA GLU A 264 -39.46 -28.13 4.10
C GLU A 264 -38.96 -28.53 2.71
N GLU A 265 -39.17 -27.65 1.74
CA GLU A 265 -38.75 -27.90 0.37
C GLU A 265 -37.23 -28.05 0.32
N ALA A 266 -36.54 -27.48 1.31
CA ALA A 266 -35.09 -27.58 1.36
C ALA A 266 -34.78 -29.06 1.37
N LYS A 267 -35.52 -29.80 2.18
CA LYS A 267 -35.35 -31.24 2.26
C LYS A 267 -35.35 -31.86 0.86
N LYS A 268 -36.11 -31.28 -0.05
CA LYS A 268 -36.17 -31.76 -1.42
C LYS A 268 -34.86 -31.46 -2.12
N ILE A 269 -34.38 -30.23 -1.98
CA ILE A 269 -33.16 -29.73 -2.62
C ILE A 269 -32.04 -30.64 -2.31
N ILE A 270 -31.98 -31.03 -1.04
CA ILE A 270 -30.95 -31.94 -0.54
C ILE A 270 -31.11 -33.34 -1.12
N HIS A 271 -32.32 -33.90 -0.99
CA HIS A 271 -32.60 -35.23 -1.51
C HIS A 271 -32.08 -35.34 -2.93
N GLU A 272 -32.07 -34.18 -3.62
CA GLU A 272 -31.60 -34.11 -4.99
C GLU A 272 -30.08 -33.94 -4.98
N ILE A 273 -29.59 -33.25 -3.96
CA ILE A 273 -28.17 -33.00 -3.82
C ILE A 273 -27.47 -34.28 -3.38
N ILE A 274 -28.25 -35.19 -2.79
CA ILE A 274 -27.73 -36.47 -2.32
C ILE A 274 -27.96 -37.48 -3.43
N GLY A 275 -28.80 -37.08 -4.38
CA GLY A 275 -29.15 -37.90 -5.51
C GLY A 275 -30.30 -38.80 -5.16
N THR A 276 -30.21 -39.45 -4.00
CA THR A 276 -31.27 -40.32 -3.61
C THR A 276 -31.99 -39.83 -2.40
N ASP A 277 -33.26 -40.20 -2.28
CA ASP A 277 -34.13 -39.79 -1.17
C ASP A 277 -34.40 -40.90 -0.18
N GLU A 278 -33.42 -41.77 0.01
CA GLU A 278 -33.55 -42.90 0.91
C GLU A 278 -32.78 -42.83 2.25
N ILE A 279 -31.86 -41.89 2.42
CA ILE A 279 -31.18 -41.81 3.68
C ILE A 279 -32.06 -40.90 4.47
N PRO A 280 -32.42 -41.32 5.67
CA PRO A 280 -33.28 -40.55 6.58
C PRO A 280 -32.57 -39.22 6.89
N VAL A 281 -33.11 -38.12 6.35
CA VAL A 281 -32.54 -36.76 6.54
C VAL A 281 -33.28 -35.89 7.56
N GLU A 282 -32.53 -35.10 8.34
CA GLU A 282 -33.08 -34.25 9.38
C GLU A 282 -32.60 -32.82 9.23
N VAL A 283 -33.43 -32.02 8.60
CA VAL A 283 -33.15 -30.60 8.31
C VAL A 283 -32.95 -29.63 9.47
N GLY A 284 -31.73 -29.18 9.70
CA GLY A 284 -31.47 -28.20 10.75
C GLY A 284 -31.72 -26.78 10.26
N PRO A 285 -31.00 -25.85 10.86
CA PRO A 285 -31.11 -24.42 10.55
C PRO A 285 -30.72 -23.99 9.16
N ILE A 286 -31.32 -22.89 8.73
CA ILE A 286 -31.06 -22.38 7.40
C ILE A 286 -30.68 -20.90 7.46
N SER A 287 -29.39 -20.63 7.23
CA SER A 287 -28.89 -19.26 7.26
C SER A 287 -28.52 -18.75 5.87
N THR A 288 -28.11 -17.49 5.84
CA THR A 288 -27.71 -16.81 4.62
C THR A 288 -26.47 -16.01 4.97
N TRP A 289 -25.59 -15.83 3.99
CA TRP A 289 -24.36 -15.09 4.21
C TRP A 289 -24.07 -14.14 3.05
N THR A 290 -23.90 -12.86 3.34
CA THR A 290 -23.62 -11.86 2.32
C THR A 290 -22.24 -11.27 2.57
N ILE A 291 -21.67 -10.61 1.56
CA ILE A 291 -20.35 -10.02 1.73
C ILE A 291 -19.94 -8.98 0.68
N ASN A 292 -19.62 -7.79 1.16
CA ASN A 292 -19.16 -6.69 0.33
C ASN A 292 -17.67 -6.87 0.48
N GLN A 293 -17.04 -7.39 -0.57
CA GLN A 293 -15.60 -7.65 -0.58
C GLN A 293 -14.82 -6.35 -0.41
N GLN A 294 -14.06 -6.24 0.67
CA GLN A 294 -13.26 -5.07 0.92
C GLN A 294 -12.26 -5.31 1.97
N TYR A 295 -11.22 -4.49 1.99
CA TYR A 295 -10.18 -4.54 2.98
C TYR A 295 -10.10 -3.38 3.76
N ALA A 296 -9.52 -3.02 4.72
CA ALA A 296 -9.16 -1.71 5.24
C ALA A 296 -7.73 -1.34 4.83
N VAL A 297 -7.57 -0.14 4.36
CA VAL A 297 -6.29 0.34 3.91
C VAL A 297 -5.39 0.58 5.09
N ARG A 298 -6.04 0.88 6.22
CA ARG A 298 -5.39 1.09 7.50
C ARG A 298 -6.24 0.36 8.54
N ASN A 299 -5.60 -0.21 9.53
CA ASN A 299 -6.31 -0.91 10.55
C ASN A 299 -6.23 -0.23 11.86
N THR A 300 -5.47 0.82 11.94
CA THR A 300 -5.29 1.52 13.17
C THR A 300 -5.59 3.01 13.20
N SER A 301 -6.41 3.45 14.12
CA SER A 301 -6.63 4.88 14.26
C SER A 301 -6.43 5.21 15.73
N GLY A 302 -5.52 6.14 16.02
CA GLY A 302 -5.25 6.52 17.40
C GLY A 302 -5.10 5.32 18.32
N ARG A 303 -6.02 5.18 19.26
CA ARG A 303 -5.99 4.07 20.22
C ARG A 303 -6.87 2.89 19.83
N VAL A 304 -7.42 2.93 18.61
CA VAL A 304 -8.27 1.86 18.11
C VAL A 304 -7.57 0.96 17.11
N PHE A 305 -7.72 -0.33 17.31
CA PHE A 305 -7.18 -1.28 16.40
C PHE A 305 -8.25 -2.27 16.01
N CYS A 306 -8.40 -2.48 14.70
CA CYS A 306 -9.36 -3.43 14.17
C CYS A 306 -8.64 -4.63 13.62
N MET A 307 -9.35 -5.74 13.51
CA MET A 307 -8.77 -6.97 13.02
C MET A 307 -9.92 -7.89 12.73
N GLY A 308 -9.60 -8.98 12.04
CA GLY A 308 -10.60 -9.95 11.68
C GLY A 308 -11.40 -9.49 10.54
N ASP A 309 -12.63 -9.91 10.44
CA ASP A 309 -13.44 -9.50 9.36
C ASP A 309 -13.65 -8.04 9.38
N ALA A 310 -13.23 -7.39 10.46
CA ALA A 310 -13.39 -5.95 10.61
C ALA A 310 -12.32 -5.21 9.81
N VAL A 311 -11.41 -5.97 9.20
CA VAL A 311 -10.34 -5.39 8.40
C VAL A 311 -10.20 -6.11 7.06
N HIS A 312 -10.94 -7.20 6.90
CA HIS A 312 -10.89 -7.96 5.68
C HIS A 312 -12.18 -8.74 5.52
N ARG A 313 -12.96 -8.45 4.50
CA ARG A 313 -14.20 -9.12 4.24
C ARG A 313 -14.11 -9.77 2.88
N HIS A 314 -14.44 -11.04 2.73
CA HIS A 314 -14.29 -11.70 1.45
C HIS A 314 -14.98 -13.04 1.32
N THR A 315 -14.73 -13.70 0.20
CA THR A 315 -15.33 -15.01 -0.07
C THR A 315 -14.76 -16.08 0.87
N PRO A 316 -15.33 -17.27 0.80
CA PRO A 316 -14.88 -18.39 1.65
C PRO A 316 -13.90 -19.29 0.92
N ALA A 317 -13.39 -18.84 -0.22
CA ALA A 317 -12.46 -19.62 -0.99
C ALA A 317 -11.08 -19.60 -0.39
N GLY A 318 -10.59 -20.77 -0.05
CA GLY A 318 -9.28 -20.88 0.56
C GLY A 318 -9.32 -20.78 2.08
N GLY A 319 -10.53 -20.64 2.63
CA GLY A 319 -10.69 -20.54 4.07
C GLY A 319 -9.57 -19.80 4.76
N LEU A 320 -9.34 -18.57 4.37
CA LEU A 320 -8.30 -17.80 4.96
C LEU A 320 -8.72 -16.81 5.96
N GLY A 321 -10.00 -16.61 6.08
CA GLY A 321 -10.56 -15.63 6.95
C GLY A 321 -10.42 -15.82 8.42
N LEU A 322 -10.69 -17.02 8.91
CA LEU A 322 -10.60 -17.30 10.35
C LEU A 322 -9.14 -17.39 10.76
N ASN A 323 -8.33 -17.95 9.88
CA ASN A 323 -6.91 -18.12 10.11
C ASN A 323 -6.23 -16.76 10.15
N THR A 324 -6.50 -15.95 9.13
CA THR A 324 -5.94 -14.61 9.05
C THR A 324 -6.42 -13.79 10.24
N SER A 325 -7.58 -14.04 10.74
CA SER A 325 -8.00 -13.27 11.85
C SER A 325 -7.32 -13.60 13.19
N VAL A 326 -6.86 -14.82 13.35
CA VAL A 326 -6.23 -15.23 14.56
C VAL A 326 -4.83 -14.75 14.54
N GLN A 327 -4.32 -14.70 13.36
CA GLN A 327 -2.96 -14.18 13.15
C GLN A 327 -2.90 -12.65 13.38
N ASP A 328 -4.00 -11.96 13.12
CA ASP A 328 -4.05 -10.53 13.38
C ASP A 328 -3.95 -10.31 14.90
N ALA A 329 -4.59 -11.18 15.67
CA ALA A 329 -4.55 -11.08 17.13
C ALA A 329 -3.18 -11.44 17.69
N TYR A 330 -2.54 -12.41 17.08
CA TYR A 330 -1.21 -12.85 17.49
C TYR A 330 -0.23 -11.71 17.30
N ASN A 331 -0.28 -11.05 16.15
CA ASN A 331 0.62 -9.94 15.87
C ASN A 331 0.51 -8.72 16.81
N LEU A 332 -0.70 -8.43 17.28
CA LEU A 332 -0.91 -7.27 18.15
C LEU A 332 -0.96 -7.46 19.68
N ALA A 333 -1.10 -8.68 20.15
CA ALA A 333 -1.20 -8.92 21.57
C ALA A 333 0.04 -8.62 22.36
N TRP A 334 1.13 -9.28 22.01
CA TRP A 334 2.41 -9.06 22.66
C TRP A 334 2.79 -7.59 22.59
N LYS A 335 2.44 -6.95 21.50
CA LYS A 335 2.74 -5.56 21.30
C LYS A 335 2.01 -4.69 22.31
N LEU A 336 0.73 -4.83 22.45
CA LEU A 336 0.02 -4.07 23.43
C LEU A 336 0.57 -4.34 24.81
N ALA A 337 0.95 -5.56 25.07
CA ALA A 337 1.46 -5.92 26.37
C ALA A 337 2.76 -5.29 26.75
N LEU A 338 3.67 -5.16 25.78
CA LEU A 338 4.97 -4.57 26.02
C LEU A 338 4.80 -3.07 26.22
N VAL A 339 3.86 -2.47 25.49
CA VAL A 339 3.60 -1.04 25.61
C VAL A 339 2.86 -0.70 26.89
N LEU A 340 1.97 -1.55 27.33
CA LEU A 340 1.24 -1.29 28.52
C LEU A 340 2.05 -1.48 29.74
N LYS A 341 3.14 -2.23 29.59
CA LYS A 341 4.05 -2.50 30.70
C LYS A 341 5.17 -1.47 30.72
N GLY A 342 5.14 -0.56 29.78
CA GLY A 342 6.14 0.45 29.65
C GLY A 342 7.50 0.00 29.18
N THR A 343 7.62 -1.20 28.64
CA THR A 343 8.89 -1.72 28.15
C THR A 343 9.07 -1.31 26.72
N ALA A 344 7.98 -0.96 26.08
CA ALA A 344 8.04 -0.54 24.71
C ALA A 344 7.32 0.77 24.51
N ALA A 345 7.82 1.58 23.60
CA ALA A 345 7.22 2.82 23.32
C ALA A 345 5.97 2.66 22.54
N PRO A 346 5.03 3.53 22.72
CA PRO A 346 3.79 3.41 21.99
C PRO A 346 3.95 3.28 20.49
N THR A 347 5.11 3.64 19.95
CA THR A 347 5.36 3.56 18.52
C THR A 347 5.32 2.10 18.08
N LEU A 348 5.77 1.21 18.94
CA LEU A 348 5.75 -0.17 18.54
C LEU A 348 4.43 -0.54 17.95
N LEU A 349 3.38 0.09 18.37
CA LEU A 349 2.09 -0.24 17.86
C LEU A 349 1.85 0.11 16.45
N ASP A 350 2.72 0.89 15.84
CA ASP A 350 2.57 1.29 14.44
C ASP A 350 2.77 0.28 13.37
N SER A 351 3.40 -0.80 13.76
CA SER A 351 3.73 -1.91 12.92
C SER A 351 2.64 -2.88 12.83
N TYR A 352 1.61 -2.60 13.66
CA TYR A 352 0.49 -3.49 13.53
C TYR A 352 -0.03 -3.27 12.16
N ASP A 353 -0.24 -2.03 11.76
CA ASP A 353 -0.81 -1.70 10.45
C ASP A 353 0.11 -2.00 9.34
N ALA A 354 1.35 -1.77 9.55
CA ALA A 354 2.40 -2.02 8.56
C ALA A 354 2.49 -3.49 8.16
N GLU A 355 2.38 -4.35 9.17
CA GLU A 355 2.50 -5.79 8.96
C GLU A 355 1.20 -6.55 8.73
N ARG A 356 0.09 -6.04 9.23
CA ARG A 356 -1.11 -6.75 9.03
C ARG A 356 -1.95 -6.29 7.88
N SER A 357 -1.94 -5.01 7.63
CA SER A 357 -2.64 -4.37 6.53
C SER A 357 -2.36 -4.97 5.16
N PRO A 358 -1.12 -5.32 4.85
CA PRO A 358 -0.92 -5.87 3.49
C PRO A 358 -1.47 -7.29 3.43
N VAL A 359 -1.53 -7.96 4.57
CA VAL A 359 -2.11 -9.29 4.63
C VAL A 359 -3.63 -9.20 4.38
N ALA A 360 -4.24 -8.12 4.84
CA ALA A 360 -5.68 -7.93 4.67
C ALA A 360 -6.07 -7.79 3.20
N LYS A 361 -5.34 -6.99 2.45
CA LYS A 361 -5.58 -6.78 1.05
C LYS A 361 -5.20 -7.93 0.22
N GLN A 362 -4.22 -8.65 0.63
CA GLN A 362 -3.75 -9.80 -0.09
C GLN A 362 -4.74 -10.90 -0.09
N ILE A 363 -5.40 -11.12 1.02
CA ILE A 363 -6.36 -12.17 1.09
C ILE A 363 -7.71 -11.88 0.56
N VAL A 364 -8.09 -10.63 0.44
CA VAL A 364 -9.39 -10.30 -0.09
C VAL A 364 -9.31 -10.48 -1.56
N GLU A 365 -8.23 -10.16 -2.10
CA GLU A 365 -8.08 -10.29 -3.52
C GLU A 365 -7.86 -11.69 -3.95
N ARG A 366 -7.19 -12.46 -3.14
CA ARG A 366 -6.94 -13.84 -3.48
C ARG A 366 -8.19 -14.62 -3.32
N ALA A 367 -8.95 -14.38 -2.29
CA ALA A 367 -10.17 -15.11 -2.13
C ALA A 367 -11.13 -14.84 -3.26
N PHE A 368 -11.10 -13.65 -3.80
CA PHE A 368 -11.97 -13.32 -4.90
C PHE A 368 -11.52 -13.92 -6.21
N LYS A 369 -10.22 -13.91 -6.45
CA LYS A 369 -9.64 -14.44 -7.68
C LYS A 369 -9.94 -15.89 -7.83
N SER A 370 -10.02 -16.58 -6.73
CA SER A 370 -10.35 -18.00 -6.77
C SER A 370 -11.73 -18.32 -7.34
N LEU A 371 -12.63 -17.33 -7.34
CA LEU A 371 -13.97 -17.50 -7.86
C LEU A 371 -13.98 -17.55 -9.38
N SER A 372 -12.84 -17.18 -9.98
CA SER A 372 -12.72 -17.19 -11.43
C SER A 372 -12.08 -18.47 -11.93
N THR A 373 -12.06 -19.49 -11.07
CA THR A 373 -11.48 -20.78 -11.41
C THR A 373 -12.54 -21.81 -11.56
N PHE A 374 -13.73 -21.53 -11.05
CA PHE A 374 -14.79 -22.50 -11.14
C PHE A 374 -15.47 -22.40 -12.47
N PRO A 375 -15.88 -21.20 -12.82
CA PRO A 375 -16.58 -21.01 -14.06
C PRO A 375 -15.98 -21.77 -15.18
N PRO A 376 -14.68 -21.83 -15.32
CA PRO A 376 -14.18 -22.60 -16.47
C PRO A 376 -14.53 -24.06 -16.57
N VAL A 377 -14.95 -24.68 -15.50
CA VAL A 377 -15.34 -26.09 -15.49
C VAL A 377 -16.62 -26.28 -16.29
N PHE A 378 -17.43 -25.37 -16.28
CA PHE A 378 -18.64 -25.34 -17.09
C PHE A 378 -18.29 -25.25 -18.58
N GLU A 379 -17.44 -24.23 -18.94
CA GLU A 379 -17.10 -23.96 -20.30
C GLU A 379 -16.42 -25.20 -20.86
N ALA A 380 -16.02 -26.10 -19.98
CA ALA A 380 -15.35 -27.28 -20.41
C ALA A 380 -16.37 -28.29 -20.78
N LEU A 381 -17.54 -28.21 -20.20
CA LEU A 381 -18.57 -29.15 -20.52
C LEU A 381 -19.41 -28.47 -21.55
N SER A 382 -18.88 -27.43 -22.19
CA SER A 382 -19.64 -26.70 -23.21
C SER A 382 -21.11 -26.50 -22.81
N LEU A 383 -21.26 -25.97 -21.59
CA LEU A 383 -22.51 -25.69 -20.92
C LEU A 383 -22.79 -24.21 -20.63
N PRO A 384 -24.00 -23.97 -20.15
CA PRO A 384 -24.55 -22.68 -19.73
C PRO A 384 -24.60 -22.57 -18.23
N PRO A 385 -24.25 -21.34 -17.67
CA PRO A 385 -24.28 -21.31 -16.21
C PRO A 385 -25.55 -21.80 -15.57
N ALA A 386 -26.67 -21.64 -16.27
CA ALA A 386 -27.96 -22.04 -15.74
C ALA A 386 -28.41 -23.39 -16.29
N PRO A 387 -27.49 -24.34 -16.36
CA PRO A 387 -27.83 -25.65 -16.86
C PRO A 387 -29.09 -26.23 -16.22
N THR A 388 -29.95 -26.84 -17.04
CA THR A 388 -31.13 -27.46 -16.51
C THR A 388 -30.68 -28.89 -16.47
N GLU A 389 -31.61 -29.82 -16.44
CA GLU A 389 -31.28 -31.23 -16.44
C GLU A 389 -30.79 -31.93 -17.70
N SER A 390 -31.61 -31.91 -18.74
CA SER A 390 -31.26 -32.53 -20.01
C SER A 390 -29.87 -32.03 -20.39
N GLU A 391 -29.69 -30.71 -20.29
CA GLU A 391 -28.41 -30.09 -20.60
C GLU A 391 -27.19 -30.68 -19.91
N MET A 392 -27.37 -31.00 -18.63
CA MET A 392 -26.35 -31.57 -17.76
C MET A 392 -26.25 -33.05 -17.86
N ALA A 393 -27.27 -33.65 -18.42
CA ALA A 393 -27.30 -35.08 -18.74
C ALA A 393 -26.71 -35.32 -20.12
N GLU A 394 -26.70 -34.27 -20.94
CA GLU A 394 -26.15 -34.38 -22.28
C GLU A 394 -24.69 -34.06 -22.24
N ALA A 395 -24.25 -33.50 -21.13
CA ALA A 395 -22.87 -33.18 -20.93
C ALA A 395 -22.17 -34.44 -20.51
N LEU A 396 -22.87 -35.26 -19.74
CA LEU A 396 -22.32 -36.52 -19.27
C LEU A 396 -22.13 -37.47 -20.43
N VAL A 397 -22.93 -37.29 -21.47
CA VAL A 397 -22.85 -38.12 -22.63
C VAL A 397 -21.70 -37.70 -23.51
N ARG A 398 -21.60 -36.42 -23.77
CA ARG A 398 -20.54 -35.88 -24.58
C ARG A 398 -19.20 -36.20 -23.98
N LEU A 399 -19.21 -36.52 -22.70
CA LEU A 399 -17.99 -36.81 -21.97
C LEU A 399 -17.52 -38.25 -22.12
N LYS A 400 -18.43 -39.17 -22.46
CA LYS A 400 -18.08 -40.57 -22.63
C LYS A 400 -17.84 -40.93 -24.10
N ASP A 401 -17.86 -39.87 -24.91
CA ASP A 401 -17.65 -39.97 -26.34
C ASP A 401 -16.29 -40.57 -26.60
N ALA A 402 -16.26 -41.47 -27.57
CA ALA A 402 -15.06 -42.17 -27.94
C ALA A 402 -14.49 -41.64 -29.22
N SER A 403 -14.21 -40.37 -29.26
CA SER A 403 -13.65 -39.70 -30.42
C SER A 403 -12.48 -38.86 -29.94
N GLU A 404 -11.77 -38.26 -30.88
CA GLU A 404 -10.63 -37.42 -30.57
C GLU A 404 -11.15 -36.15 -29.92
N GLU A 405 -12.38 -35.80 -30.26
CA GLU A 405 -13.00 -34.61 -29.73
C GLU A 405 -13.55 -34.90 -28.34
N GLY A 406 -13.70 -36.17 -28.02
CA GLY A 406 -14.13 -36.57 -26.71
C GLY A 406 -12.90 -36.54 -25.82
N ALA A 407 -11.73 -36.73 -26.41
CA ALA A 407 -10.49 -36.72 -25.63
C ALA A 407 -10.07 -35.31 -25.23
N LYS A 408 -10.17 -34.37 -26.18
CA LYS A 408 -9.79 -33.00 -25.93
C LYS A 408 -10.69 -32.51 -24.80
N ARG A 409 -11.94 -32.93 -24.90
CA ARG A 409 -12.98 -32.62 -23.96
C ARG A 409 -12.67 -33.18 -22.57
N ARG A 410 -12.39 -34.59 -22.59
CA ARG A 410 -12.15 -35.02 -21.25
C ARG A 410 -10.99 -34.24 -20.70
N ALA A 411 -9.86 -33.98 -21.54
CA ALA A 411 -8.63 -33.30 -21.16
C ALA A 411 -8.92 -31.87 -20.71
N ALA A 412 -9.88 -31.23 -21.36
CA ALA A 412 -10.26 -29.87 -21.03
C ALA A 412 -10.84 -29.80 -19.61
N LEU A 413 -11.73 -30.73 -19.31
CA LEU A 413 -12.36 -30.81 -18.00
C LEU A 413 -11.34 -31.10 -16.91
N ARG A 414 -10.35 -31.93 -17.17
CA ARG A 414 -9.34 -32.23 -16.17
C ARG A 414 -8.50 -31.01 -15.90
N LYS A 415 -8.28 -30.22 -16.90
CA LYS A 415 -7.50 -29.04 -16.77
C LYS A 415 -8.18 -28.01 -15.94
N ALA A 416 -9.42 -27.84 -16.22
CA ALA A 416 -10.27 -26.92 -15.49
C ALA A 416 -10.43 -27.23 -14.03
N MET A 417 -10.61 -28.48 -13.70
CA MET A 417 -10.77 -28.89 -12.34
C MET A 417 -9.51 -28.72 -11.57
N ASP A 418 -8.38 -29.04 -12.20
CA ASP A 418 -7.07 -28.91 -11.55
C ASP A 418 -6.70 -27.45 -11.31
N ALA A 419 -7.41 -26.55 -11.97
CA ALA A 419 -7.16 -25.12 -11.83
C ALA A 419 -7.90 -24.62 -10.60
N THR A 420 -8.83 -25.44 -10.09
CA THR A 420 -9.60 -25.07 -8.91
C THR A 420 -8.92 -25.38 -7.59
N ILE A 421 -7.75 -25.99 -7.65
CA ILE A 421 -6.99 -26.34 -6.45
C ILE A 421 -6.43 -25.16 -5.67
N ILE A 422 -6.11 -24.05 -6.34
CA ILE A 422 -5.58 -22.92 -5.66
C ILE A 422 -6.50 -22.46 -4.53
N GLY A 423 -7.79 -22.70 -4.70
CA GLY A 423 -8.77 -22.34 -3.70
C GLY A 423 -9.17 -23.49 -2.79
N LEU A 424 -8.48 -24.63 -2.92
CA LEU A 424 -8.80 -25.81 -2.10
C LEU A 424 -7.63 -26.52 -1.41
N GLY A 425 -6.60 -25.79 -1.08
CA GLY A 425 -5.46 -26.34 -0.42
C GLY A 425 -4.17 -26.13 -1.12
N GLY A 426 -4.25 -25.53 -2.31
CA GLY A 426 -3.08 -25.31 -3.13
C GLY A 426 -2.30 -24.03 -2.85
N GLY A 427 -2.88 -23.12 -2.12
CA GLY A 427 -2.22 -21.90 -1.84
C GLY A 427 -1.48 -21.85 -0.56
N HIS A 428 -0.48 -22.72 -0.46
CA HIS A 428 0.40 -22.84 0.67
C HIS A 428 1.24 -21.63 0.79
N GLY A 429 1.62 -21.04 -0.30
CA GLY A 429 2.38 -19.84 -0.17
C GLY A 429 1.58 -18.75 0.41
N VAL A 430 0.36 -18.62 -0.02
CA VAL A 430 -0.49 -17.63 0.49
C VAL A 430 -0.68 -17.82 1.96
N GLU A 431 -0.86 -19.02 2.45
CA GLU A 431 -1.03 -19.17 3.87
C GLU A 431 0.21 -18.86 4.65
N LEU A 432 1.37 -19.20 4.18
CA LEU A 432 2.55 -18.98 4.97
C LEU A 432 3.60 -17.97 4.58
N ASN A 433 3.53 -17.43 3.40
CA ASN A 433 4.60 -16.51 2.97
C ASN A 433 4.52 -15.07 3.46
N GLN A 434 4.30 -14.87 4.76
CA GLN A 434 4.23 -13.50 5.29
C GLN A 434 5.58 -12.79 5.34
N ARG A 435 5.66 -11.62 4.71
CA ARG A 435 6.86 -10.81 4.69
C ARG A 435 6.55 -9.52 5.43
N TYR A 436 7.32 -9.25 6.48
CA TYR A 436 7.10 -8.06 7.29
C TYR A 436 8.12 -6.96 7.01
N VAL A 437 7.63 -5.73 6.94
CA VAL A 437 8.46 -4.55 6.70
C VAL A 437 7.92 -3.54 7.68
N SER A 438 8.75 -3.14 8.65
CA SER A 438 8.33 -2.16 9.64
C SER A 438 9.37 -1.94 10.72
N ARG A 439 9.14 -0.98 11.58
CA ARG A 439 10.04 -0.68 12.64
C ARG A 439 10.20 -1.80 13.59
N ALA A 440 9.25 -2.71 13.62
CA ALA A 440 9.31 -3.88 14.45
C ALA A 440 10.17 -4.97 13.90
N VAL A 441 10.77 -4.74 12.77
CA VAL A 441 11.68 -5.66 12.16
C VAL A 441 12.92 -4.86 11.89
N PHE A 442 14.01 -5.36 12.39
CA PHE A 442 15.34 -4.79 12.15
C PHE A 442 15.98 -5.51 10.97
N PRO A 443 16.12 -4.77 9.87
CA PRO A 443 16.70 -5.32 8.64
C PRO A 443 18.15 -5.69 8.89
N ASP A 444 18.66 -6.65 8.11
CA ASP A 444 20.03 -7.11 8.28
C ASP A 444 20.99 -6.58 7.22
N GLY A 445 20.47 -6.05 6.14
CA GLY A 445 21.35 -5.56 5.15
C GLY A 445 21.43 -6.38 3.94
N THR A 446 20.75 -7.50 3.93
CA THR A 446 20.76 -8.31 2.74
C THR A 446 19.57 -7.91 1.92
N PRO A 447 19.65 -8.23 0.57
CA PRO A 447 18.47 -7.88 -0.21
C PRO A 447 17.42 -8.94 -0.14
N ASP A 448 16.22 -8.60 -0.55
CA ASP A 448 15.17 -9.57 -0.57
C ASP A 448 15.47 -10.70 -1.53
N PRO A 449 15.54 -11.97 -0.98
CA PRO A 449 15.87 -13.02 -1.92
C PRO A 449 14.91 -13.46 -2.98
N GLY A 450 13.64 -13.15 -2.88
CA GLY A 450 12.64 -13.55 -3.82
C GLY A 450 12.07 -14.88 -3.57
N PHE A 451 11.28 -15.35 -4.50
CA PHE A 451 10.71 -16.62 -4.39
C PHE A 451 11.20 -17.37 -5.58
N VAL A 452 11.75 -18.55 -5.42
CA VAL A 452 12.20 -19.25 -6.58
C VAL A 452 11.03 -19.74 -7.38
N ARG A 453 9.99 -20.18 -6.69
CA ARG A 453 8.76 -20.67 -7.32
C ARG A 453 7.59 -19.83 -6.93
N ASP A 454 6.46 -20.02 -7.60
CA ASP A 454 5.25 -19.25 -7.34
C ASP A 454 5.00 -18.99 -5.89
N GLN A 455 4.93 -17.71 -5.51
CA GLN A 455 4.75 -17.32 -4.11
C GLN A 455 3.34 -17.50 -3.52
N GLU A 456 2.39 -17.97 -4.34
CA GLU A 456 1.03 -18.18 -3.84
C GLU A 456 0.89 -19.69 -3.64
N PHE A 457 1.42 -20.46 -4.54
CA PHE A 457 1.31 -21.88 -4.47
C PHE A 457 2.21 -22.66 -3.58
N PHE A 458 3.44 -22.25 -3.44
CA PHE A 458 4.44 -22.99 -2.70
C PHE A 458 5.01 -22.10 -1.64
N TYR A 459 5.34 -22.62 -0.49
CA TYR A 459 5.92 -21.80 0.55
C TYR A 459 7.43 -21.73 0.47
N GLN A 460 8.02 -20.59 0.76
CA GLN A 460 9.48 -20.49 0.76
C GLN A 460 9.99 -20.10 2.12
N ALA A 461 10.72 -21.01 2.75
CA ALA A 461 11.26 -20.77 4.08
C ALA A 461 12.32 -19.68 4.03
N SER A 462 12.35 -18.77 4.99
CA SER A 462 13.37 -17.73 4.95
C SER A 462 13.72 -17.15 6.31
N THR A 463 15.01 -17.19 6.64
CA THR A 463 15.49 -16.69 7.93
C THR A 463 15.75 -15.18 7.95
N ARG A 464 15.55 -14.52 6.81
CA ARG A 464 15.77 -13.09 6.72
C ARG A 464 14.80 -12.36 7.65
N PRO A 465 15.30 -11.24 8.30
CA PRO A 465 14.33 -10.56 9.18
C PRO A 465 13.05 -10.21 8.44
N GLY A 466 11.92 -10.41 9.05
CA GLY A 466 10.66 -10.10 8.45
C GLY A 466 9.88 -11.32 8.14
N ALA A 467 10.51 -12.45 8.21
CA ALA A 467 9.85 -13.68 7.92
C ALA A 467 9.67 -14.49 9.16
N HIS A 468 8.74 -15.44 9.10
CA HIS A 468 8.44 -16.30 10.23
C HIS A 468 9.48 -17.41 10.34
N LEU A 469 9.83 -17.78 11.57
CA LEU A 469 10.82 -18.82 11.81
C LEU A 469 10.58 -20.03 10.90
N PRO A 470 11.61 -20.67 10.46
CA PRO A 470 11.32 -21.81 9.66
C PRO A 470 11.36 -22.98 10.56
N HIS A 471 10.38 -23.86 10.40
CA HIS A 471 10.31 -25.12 11.11
C HIS A 471 11.38 -26.10 10.65
N VAL A 472 11.95 -26.81 11.60
CA VAL A 472 12.86 -27.95 11.46
C VAL A 472 12.81 -28.74 12.73
N TRP A 473 13.14 -30.00 12.73
CA TRP A 473 13.12 -30.69 13.96
C TRP A 473 14.48 -30.79 14.64
N LEU A 474 14.67 -30.91 15.78
CA LEU A 474 15.72 -30.74 16.70
C LEU A 474 15.38 -31.83 17.66
N THR A 475 16.19 -32.10 18.66
CA THR A 475 15.87 -33.09 19.68
C THR A 475 16.13 -32.47 21.03
N GLU A 476 15.45 -32.97 22.04
CA GLU A 476 15.64 -32.54 23.40
C GLU A 476 16.24 -33.72 24.13
N ASN A 477 15.41 -34.65 24.56
CA ASN A 477 15.87 -35.83 25.27
C ASN A 477 15.86 -36.91 24.25
N GLN A 478 16.36 -36.58 23.07
CA GLN A 478 16.38 -37.54 21.96
C GLN A 478 15.00 -37.66 21.31
N ARG A 479 14.09 -36.81 21.77
CA ARG A 479 12.72 -36.73 21.31
C ARG A 479 12.59 -35.47 20.47
N ARG A 480 11.84 -35.51 19.40
CA ARG A 480 11.68 -34.40 18.50
C ARG A 480 10.93 -33.21 19.04
N ILE A 481 11.52 -32.05 18.82
CA ILE A 481 10.98 -30.77 19.25
C ILE A 481 11.23 -29.84 18.08
N SER A 482 10.26 -28.98 17.76
CA SER A 482 10.45 -28.10 16.61
C SER A 482 11.00 -26.72 16.93
N THR A 483 11.91 -26.21 16.16
CA THR A 483 12.42 -24.89 16.40
C THR A 483 11.37 -23.96 16.95
N LEU A 484 10.14 -24.12 16.55
CA LEU A 484 9.06 -23.24 17.04
C LEU A 484 8.73 -23.42 18.52
N ASP A 485 8.98 -24.59 19.03
CA ASP A 485 8.73 -24.94 20.40
C ASP A 485 9.66 -24.26 21.34
N LEU A 486 10.85 -23.99 20.87
CA LEU A 486 11.81 -23.23 21.62
C LEU A 486 11.49 -21.78 21.86
N CYS A 487 10.71 -21.21 20.97
CA CYS A 487 10.32 -19.82 21.03
C CYS A 487 8.91 -19.54 21.40
N GLY A 488 8.51 -18.31 21.29
CA GLY A 488 7.17 -17.92 21.63
C GLY A 488 7.06 -17.63 23.10
N LYS A 489 5.92 -17.86 23.66
CA LYS A 489 5.69 -17.71 25.07
C LYS A 489 5.63 -16.28 25.59
N GLY A 490 5.33 -15.35 24.70
CA GLY A 490 5.22 -13.97 25.02
C GLY A 490 6.57 -13.37 25.23
N ARG A 491 7.60 -13.98 24.70
CA ARG A 491 8.93 -13.47 24.88
C ARG A 491 9.79 -13.57 23.67
N PHE A 492 10.88 -12.86 23.72
CA PHE A 492 11.83 -12.85 22.66
C PHE A 492 12.81 -14.00 22.87
N THR A 493 13.25 -14.64 21.80
CA THR A 493 13.87 -15.78 21.66
C THR A 493 15.31 -15.63 20.95
N LEU A 494 16.52 -15.94 21.37
CA LEU A 494 17.62 -15.86 20.47
C LEU A 494 18.24 -17.22 20.24
N LEU A 495 18.33 -17.62 18.98
CA LEU A 495 18.87 -18.90 18.60
C LEU A 495 20.22 -18.87 18.01
N THR A 496 21.10 -19.69 18.53
CA THR A 496 22.45 -19.76 18.04
C THR A 496 23.06 -21.13 18.27
N GLY A 497 24.34 -21.26 18.02
CA GLY A 497 25.00 -22.51 18.19
C GLY A 497 26.16 -22.38 19.11
N LEU A 498 26.89 -23.46 19.24
CA LEU A 498 28.04 -23.56 20.11
C LEU A 498 29.08 -22.50 19.97
N SER A 499 29.40 -22.11 18.74
CA SER A 499 30.42 -21.10 18.49
C SER A 499 29.93 -19.67 18.75
N GLY A 500 28.64 -19.53 19.05
CA GLY A 500 28.11 -18.22 19.31
C GLY A 500 27.76 -18.11 20.75
N ALA A 501 28.58 -18.68 21.60
CA ALA A 501 28.35 -18.67 23.02
C ALA A 501 28.24 -17.31 23.60
N ALA A 502 28.87 -16.37 22.95
CA ALA A 502 28.89 -14.99 23.36
C ALA A 502 27.56 -14.36 23.34
N TRP A 503 26.61 -15.00 22.70
CA TRP A 503 25.25 -14.49 22.58
C TRP A 503 24.46 -14.59 23.84
N LYS A 504 24.89 -15.44 24.75
CA LYS A 504 24.21 -15.59 25.99
C LYS A 504 24.45 -14.42 26.88
N HIS A 505 25.65 -13.90 26.86
CA HIS A 505 26.00 -12.74 27.67
C HIS A 505 25.42 -11.51 27.04
N GLU A 506 25.64 -11.33 25.76
CA GLU A 506 25.08 -10.17 25.14
C GLU A 506 23.63 -10.07 25.46
N ALA A 507 22.93 -11.15 25.32
CA ALA A 507 21.53 -11.17 25.58
C ALA A 507 21.25 -10.76 26.96
N GLU A 508 22.06 -11.13 27.91
CA GLU A 508 21.85 -10.73 29.29
C GLU A 508 21.96 -9.27 29.53
N GLN A 509 23.07 -8.73 29.03
CA GLN A 509 23.37 -7.31 29.16
C GLN A 509 22.24 -6.53 28.53
N VAL A 510 21.74 -7.03 27.40
CA VAL A 510 20.65 -6.36 26.69
C VAL A 510 19.27 -6.72 27.24
N SER A 511 19.19 -7.52 28.27
CA SER A 511 17.86 -7.77 28.79
C SER A 511 17.74 -7.15 30.13
N GLN A 512 18.82 -7.17 30.88
CA GLN A 512 18.74 -6.53 32.15
C GLN A 512 18.57 -5.04 31.97
N SER A 513 19.32 -4.48 31.02
CA SER A 513 19.29 -3.05 30.75
C SER A 513 18.01 -2.54 30.10
N LEU A 514 17.34 -3.39 29.34
CA LEU A 514 16.10 -3.01 28.65
C LEU A 514 14.87 -3.53 29.39
N GLY A 515 15.06 -4.13 30.53
CA GLY A 515 13.94 -4.64 31.25
C GLY A 515 13.10 -5.57 30.44
N ILE A 516 13.74 -6.35 29.60
CA ILE A 516 12.99 -7.27 28.77
C ILE A 516 13.48 -8.71 28.81
N GLU A 517 12.53 -9.63 28.75
CA GLU A 517 12.87 -11.03 28.74
C GLU A 517 13.44 -11.44 27.40
N LEU A 518 14.56 -12.15 27.45
CA LEU A 518 15.23 -12.60 26.23
C LEU A 518 15.90 -13.95 26.45
N LYS A 519 15.20 -15.01 26.07
CA LYS A 519 15.69 -16.36 26.21
C LYS A 519 16.63 -16.71 25.07
N VAL A 520 17.77 -17.26 25.44
CA VAL A 520 18.74 -17.67 24.50
C VAL A 520 18.87 -19.16 24.45
N CYS A 521 18.95 -19.73 23.27
CA CYS A 521 19.12 -21.13 23.19
C CYS A 521 20.33 -21.37 22.33
N VAL A 522 21.26 -22.14 22.82
CA VAL A 522 22.44 -22.48 22.12
C VAL A 522 22.21 -23.89 21.72
N ILE A 523 21.95 -24.11 20.45
CA ILE A 523 21.69 -25.42 19.88
C ILE A 523 22.94 -26.12 19.43
N GLY A 524 23.12 -27.34 19.86
CA GLY A 524 24.31 -28.11 19.48
C GLY A 524 24.26 -29.65 20.63
N PRO A 525 25.59 -30.09 20.04
CA PRO A 525 25.87 -31.33 20.75
C PRO A 525 26.03 -31.18 22.24
N GLY A 526 25.36 -32.01 22.99
CA GLY A 526 25.45 -32.00 24.43
C GLY A 526 24.78 -30.83 25.07
N GLN A 527 23.92 -30.18 24.30
CA GLN A 527 23.20 -29.03 24.78
C GLN A 527 21.79 -29.46 25.10
N GLU A 528 20.98 -28.52 25.60
CA GLU A 528 19.60 -28.81 25.94
C GLU A 528 18.85 -29.22 24.69
N PHE A 529 19.04 -28.49 23.61
CA PHE A 529 18.42 -28.80 22.34
C PHE A 529 19.57 -29.16 21.46
N VAL A 530 19.37 -30.13 20.57
CA VAL A 530 20.44 -30.58 19.71
C VAL A 530 20.02 -30.68 18.25
N ASP A 531 20.93 -30.30 17.37
CA ASP A 531 20.70 -30.35 15.95
C ASP A 531 20.89 -31.73 15.41
N THR A 532 20.33 -32.69 16.08
CA THR A 532 20.41 -34.08 15.73
C THR A 532 20.41 -34.40 14.24
N TYR A 533 19.51 -33.85 13.46
CA TYR A 533 19.47 -34.15 12.04
C TYR A 533 20.22 -33.18 11.19
N GLY A 534 20.82 -32.21 11.82
CA GLY A 534 21.60 -31.20 11.13
C GLY A 534 20.83 -30.26 10.28
N GLU A 535 19.54 -30.29 10.48
CA GLU A 535 18.61 -29.50 9.75
C GLU A 535 18.58 -28.05 10.10
N TYR A 536 18.92 -27.71 11.32
CA TYR A 536 18.93 -26.35 11.71
C TYR A 536 20.14 -25.73 11.04
N ALA A 537 21.25 -26.42 11.02
CA ALA A 537 22.42 -25.89 10.40
C ALA A 537 22.15 -25.62 8.95
N LYS A 538 21.23 -26.39 8.42
CA LYS A 538 20.88 -26.32 7.04
C LYS A 538 19.91 -25.22 6.66
N ILE A 539 18.99 -24.90 7.57
CA ILE A 539 17.98 -23.90 7.28
C ILE A 539 18.23 -22.51 7.87
N SER A 540 19.32 -22.35 8.63
CA SER A 540 19.59 -21.06 9.20
C SER A 540 20.14 -20.01 8.30
N GLU A 541 20.77 -20.45 7.20
CA GLU A 541 21.35 -19.53 6.23
C GLU A 541 22.51 -18.69 6.78
N ILE A 542 23.07 -19.12 7.91
CA ILE A 542 24.19 -18.42 8.53
C ILE A 542 25.12 -19.38 9.26
N GLY A 543 26.27 -18.89 9.62
CA GLY A 543 27.23 -19.69 10.32
C GLY A 543 26.62 -20.22 11.56
N GLU A 544 27.37 -21.00 12.30
CA GLU A 544 26.85 -21.57 13.47
C GLU A 544 26.89 -20.57 14.56
N SER A 545 27.80 -19.61 14.40
CA SER A 545 27.98 -18.56 15.39
C SER A 545 26.94 -17.45 15.26
N GLY A 546 26.20 -17.44 14.18
CA GLY A 546 25.19 -16.45 14.02
C GLY A 546 24.02 -16.61 14.93
N ALA A 547 23.12 -15.65 14.88
CA ALA A 547 21.97 -15.65 15.71
C ALA A 547 20.73 -15.15 15.03
N LEU A 548 19.59 -15.70 15.43
CA LEU A 548 18.31 -15.28 14.88
C LEU A 548 17.39 -14.88 16.02
N LEU A 549 16.99 -13.63 16.10
CA LEU A 549 16.10 -13.18 17.14
C LEU A 549 14.69 -13.42 16.67
N VAL A 550 13.85 -14.01 17.52
CA VAL A 550 12.48 -14.37 17.20
C VAL A 550 11.50 -13.62 18.08
N ARG A 551 10.53 -12.96 17.49
CA ARG A 551 9.53 -12.20 18.24
C ARG A 551 8.54 -13.13 18.89
N PRO A 552 7.77 -12.61 19.83
CA PRO A 552 6.79 -13.44 20.51
C PRO A 552 5.80 -14.01 19.54
N ASP A 553 5.68 -13.46 18.35
CA ASP A 553 4.76 -13.97 17.36
C ASP A 553 5.39 -14.91 16.33
N MET A 554 6.60 -15.35 16.56
CA MET A 554 7.32 -16.27 15.70
C MET A 554 8.04 -15.73 14.51
N PHE A 555 8.07 -14.43 14.37
CA PHE A 555 8.75 -13.80 13.31
C PHE A 555 10.15 -13.38 13.66
N ILE A 556 11.08 -13.60 12.73
CA ILE A 556 12.47 -13.22 12.93
C ILE A 556 12.65 -11.74 12.60
N ALA A 557 13.04 -10.94 13.59
CA ALA A 557 13.24 -9.51 13.40
C ALA A 557 14.71 -9.13 13.29
N PHE A 558 15.59 -9.95 13.85
CA PHE A 558 17.01 -9.66 13.81
C PHE A 558 17.82 -10.89 13.41
N ARG A 559 18.82 -10.69 12.58
CA ARG A 559 19.67 -11.79 12.14
C ARG A 559 21.13 -11.36 11.97
N ALA A 560 22.01 -12.01 12.71
CA ALA A 560 23.45 -11.77 12.69
C ALA A 560 24.19 -12.93 12.08
N LYS A 561 25.16 -12.65 11.23
CA LYS A 561 25.91 -13.66 10.52
C LYS A 561 27.01 -14.38 11.27
N ASP A 562 27.41 -13.82 12.39
CA ASP A 562 28.44 -14.40 13.23
C ASP A 562 28.53 -13.74 14.56
N ALA A 563 29.40 -14.23 15.41
CA ALA A 563 29.57 -13.69 16.75
C ALA A 563 30.65 -12.63 16.91
N SER A 564 31.06 -12.02 15.82
CA SER A 564 32.02 -10.95 15.85
C SER A 564 31.57 -9.74 16.65
N ARG A 565 32.52 -9.05 17.24
CA ARG A 565 32.24 -7.90 18.07
C ARG A 565 31.26 -6.92 17.41
N GLU A 566 31.35 -6.75 16.12
CA GLU A 566 30.45 -5.87 15.39
C GLU A 566 29.07 -6.49 15.19
N GLY A 567 28.97 -7.81 15.36
CA GLY A 567 27.74 -8.48 15.20
C GLY A 567 27.13 -8.54 16.56
N LEU A 568 27.96 -8.67 17.57
CA LEU A 568 27.47 -8.75 18.91
C LEU A 568 26.90 -7.45 19.42
N GLU A 569 27.53 -6.35 19.05
CA GLU A 569 27.14 -5.03 19.48
C GLU A 569 25.87 -4.54 18.88
N GLN A 570 25.46 -5.17 17.83
CA GLN A 570 24.26 -4.78 17.18
C GLN A 570 22.97 -5.23 17.84
N LEU A 571 23.02 -6.28 18.61
CA LEU A 571 21.83 -6.74 19.26
C LEU A 571 21.15 -5.59 19.93
N ASN A 572 21.79 -4.96 20.87
CA ASN A 572 21.21 -3.86 21.59
C ASN A 572 20.54 -2.82 20.71
N VAL A 573 21.19 -2.46 19.62
CA VAL A 573 20.65 -1.49 18.71
C VAL A 573 19.38 -1.95 18.05
N ALA A 574 19.23 -3.24 17.87
CA ALA A 574 18.08 -3.80 17.24
C ALA A 574 16.93 -3.88 18.19
N VAL A 575 17.15 -4.37 19.39
CA VAL A 575 16.12 -4.45 20.39
C VAL A 575 15.57 -3.08 20.76
N LYS A 576 16.46 -2.13 20.97
CA LYS A 576 16.05 -0.77 21.32
C LYS A 576 15.22 -0.19 20.17
N SER A 577 15.57 -0.55 18.97
CA SER A 577 14.88 -0.11 17.77
C SER A 577 13.53 -0.77 17.63
N ILE A 578 13.48 -2.06 17.85
CA ILE A 578 12.24 -2.80 17.80
C ILE A 578 11.25 -2.37 18.85
N LEU A 579 11.74 -1.86 19.96
CA LEU A 579 10.89 -1.41 21.04
C LEU A 579 10.58 0.05 20.97
N GLY A 580 11.33 0.80 20.18
CA GLY A 580 11.16 2.22 20.03
C GLY A 580 11.82 3.07 21.07
N ARG A 581 12.99 2.65 21.54
CA ARG A 581 13.72 3.36 22.57
C ARG A 581 15.19 3.40 22.29
N ALA B 1 30.68 0.58 -23.14
CA ALA B 1 30.53 1.75 -22.31
C ALA B 1 30.44 1.39 -20.87
N GLU B 2 30.83 2.31 -20.00
CA GLU B 2 30.82 2.07 -18.58
C GLU B 2 30.40 3.31 -17.82
N THR B 3 29.37 3.18 -17.01
CA THR B 3 28.96 4.28 -16.19
C THR B 3 28.42 3.84 -14.84
N ASP B 4 28.01 4.78 -14.02
CA ASP B 4 27.50 4.41 -12.75
C ASP B 4 26.02 4.26 -12.83
N VAL B 5 25.38 5.10 -13.60
CA VAL B 5 23.96 5.04 -13.76
C VAL B 5 23.51 5.30 -15.14
N LEU B 6 22.78 4.39 -15.72
CA LEU B 6 22.20 4.60 -17.01
C LEU B 6 20.85 5.18 -16.81
N ILE B 7 20.58 6.32 -17.42
CA ILE B 7 19.29 6.98 -17.30
C ILE B 7 18.56 6.88 -18.63
N VAL B 8 17.55 6.04 -18.72
CA VAL B 8 16.84 5.85 -19.94
C VAL B 8 15.70 6.79 -19.96
N GLY B 9 15.72 7.77 -20.82
CA GLY B 9 14.70 8.81 -20.91
C GLY B 9 15.41 10.13 -20.69
N ALA B 10 14.87 11.21 -21.22
CA ALA B 10 15.46 12.52 -21.06
C ALA B 10 14.43 13.62 -20.95
N GLY B 11 13.26 13.29 -20.49
CA GLY B 11 12.21 14.23 -20.32
C GLY B 11 12.49 14.78 -18.98
N PRO B 12 11.47 15.18 -18.28
CA PRO B 12 11.64 15.78 -16.98
C PRO B 12 12.26 14.96 -15.88
N ALA B 13 11.77 13.76 -15.57
CA ALA B 13 12.35 12.95 -14.51
C ALA B 13 13.81 12.57 -14.76
N GLY B 14 14.15 12.34 -16.02
CA GLY B 14 15.47 11.97 -16.40
C GLY B 14 16.42 13.12 -16.59
N ALA B 15 15.96 14.27 -17.04
CA ALA B 15 16.88 15.35 -17.11
C ALA B 15 17.28 15.77 -15.71
N MET B 16 16.34 15.74 -14.80
CA MET B 16 16.56 16.11 -13.42
C MET B 16 17.49 15.18 -12.73
N SER B 17 17.28 13.88 -12.95
CA SER B 17 18.12 12.85 -12.37
C SER B 17 19.58 13.08 -12.77
N ALA B 18 19.79 13.26 -14.07
CA ALA B 18 21.14 13.50 -14.59
C ALA B 18 21.76 14.78 -14.02
N THR B 19 20.94 15.82 -13.87
CA THR B 19 21.42 17.10 -13.34
C THR B 19 21.86 16.99 -11.88
N LEU B 20 21.09 16.25 -11.10
CA LEU B 20 21.39 16.07 -9.68
C LEU B 20 22.65 15.21 -9.54
N LEU B 21 22.59 14.03 -10.09
CA LEU B 21 23.69 13.12 -10.05
C LEU B 21 24.99 13.80 -10.43
N ALA B 22 25.01 14.50 -11.55
CA ALA B 22 26.22 15.19 -11.99
C ALA B 22 26.68 16.22 -10.96
N SER B 23 25.72 16.87 -10.30
CA SER B 23 26.02 17.86 -9.29
C SER B 23 26.66 17.17 -8.10
N LEU B 24 26.33 15.90 -7.92
CA LEU B 24 26.86 15.11 -6.83
C LEU B 24 28.14 14.36 -7.18
N GLY B 25 28.64 14.54 -8.40
CA GLY B 25 29.84 13.84 -8.76
C GLY B 25 29.63 12.44 -9.19
N ILE B 26 28.40 12.10 -9.60
CA ILE B 26 27.79 10.71 -10.28
C ILE B 26 28.08 10.64 -11.55
N ARG B 27 28.88 9.75 -12.10
CA ARG B 27 28.96 9.57 -13.54
C ARG B 27 27.73 8.91 -14.17
N SER B 28 26.92 9.68 -14.88
CA SER B 28 25.72 9.11 -15.49
C SER B 28 25.56 9.34 -16.99
N LEU B 29 25.04 8.33 -17.68
CA LEU B 29 24.84 8.42 -19.13
C LEU B 29 23.35 8.38 -19.48
N MET B 30 22.75 9.56 -19.63
CA MET B 30 21.34 9.66 -19.97
C MET B 30 21.11 9.56 -21.47
N ILE B 31 20.11 8.80 -21.86
CA ILE B 31 19.80 8.60 -23.26
C ILE B 31 18.37 8.92 -23.60
N ASN B 32 18.14 9.20 -24.88
CA ASN B 32 16.80 9.54 -25.38
C ASN B 32 16.60 8.98 -26.78
N ARG B 33 15.40 8.50 -27.05
CA ARG B 33 15.06 7.92 -28.35
C ARG B 33 15.03 8.91 -29.51
N TRP B 34 14.46 10.09 -29.29
CA TRP B 34 14.37 11.09 -30.36
C TRP B 34 15.44 12.11 -30.62
N ARG B 35 15.19 12.96 -31.57
CA ARG B 35 16.12 13.95 -32.04
C ARG B 35 16.27 15.17 -31.19
N SER B 36 15.28 15.43 -30.35
CA SER B 36 15.35 16.62 -29.51
C SER B 36 14.51 16.42 -28.27
N THR B 37 14.33 17.49 -27.51
CA THR B 37 13.54 17.37 -26.32
C THR B 37 12.22 17.44 -26.98
N SER B 38 11.14 17.19 -26.29
CA SER B 38 9.83 17.17 -26.91
C SER B 38 9.26 18.38 -27.64
N PRO B 39 8.79 18.17 -28.87
CA PRO B 39 8.17 19.20 -29.69
C PRO B 39 7.02 19.94 -29.10
N GLY B 40 6.15 19.25 -28.36
CA GLY B 40 4.98 19.87 -27.77
C GLY B 40 5.20 20.56 -26.44
N PRO B 41 4.35 21.50 -26.12
CA PRO B 41 4.45 22.22 -24.87
C PRO B 41 3.96 21.34 -23.76
N ARG B 42 3.07 20.41 -24.04
CA ARG B 42 2.58 19.47 -23.03
C ARG B 42 2.23 20.12 -21.69
N SER B 43 2.64 19.51 -20.60
CA SER B 43 2.37 20.02 -19.30
C SER B 43 2.91 21.39 -19.16
N HIS B 44 2.24 22.22 -18.39
CA HIS B 44 2.72 23.57 -18.27
C HIS B 44 2.70 24.16 -16.91
N ILE B 45 2.13 23.50 -15.95
CA ILE B 45 2.08 24.03 -14.59
C ILE B 45 3.27 23.63 -13.72
N ILE B 46 3.96 24.60 -13.15
CA ILE B 46 5.11 24.29 -12.32
C ILE B 46 4.72 24.60 -10.88
N ASN B 47 4.59 23.58 -10.04
CA ASN B 47 4.18 23.89 -8.68
C ASN B 47 5.39 24.20 -7.80
N GLN B 48 5.12 24.61 -6.58
CA GLN B 48 6.15 25.05 -5.64
C GLN B 48 7.26 24.15 -5.30
N ARG B 49 6.98 22.85 -5.26
CA ARG B 49 8.00 21.85 -4.95
C ARG B 49 9.06 21.79 -6.04
N THR B 50 8.62 21.88 -7.29
CA THR B 50 9.52 21.83 -8.43
C THR B 50 10.36 23.10 -8.54
N MET B 51 9.78 24.21 -8.09
CA MET B 51 10.45 25.51 -8.13
C MET B 51 11.46 25.54 -7.01
N GLU B 52 11.18 24.82 -5.95
CA GLU B 52 12.10 24.75 -4.87
C GLU B 52 13.28 23.94 -5.33
N ILE B 53 13.05 22.92 -6.08
CA ILE B 53 14.11 22.07 -6.55
C ILE B 53 14.96 22.82 -7.51
N LEU B 54 14.38 23.69 -8.30
CA LEU B 54 15.12 24.53 -9.23
C LEU B 54 15.97 25.48 -8.41
N ARG B 55 15.36 26.05 -7.41
CA ARG B 55 15.98 26.96 -6.50
C ARG B 55 17.21 26.39 -5.77
N ASP B 56 17.22 25.10 -5.55
CA ASP B 56 18.26 24.38 -4.87
C ASP B 56 19.45 24.12 -5.76
N ILE B 57 19.16 24.00 -7.03
CA ILE B 57 20.19 23.74 -8.02
C ILE B 57 20.66 25.03 -8.66
N GLY B 58 19.93 26.11 -8.41
CA GLY B 58 20.28 27.39 -8.97
C GLY B 58 19.77 27.66 -10.34
N LEU B 59 18.63 27.07 -10.62
CA LEU B 59 17.95 27.22 -11.90
C LEU B 59 16.58 27.86 -11.79
N GLU B 60 16.24 28.38 -10.62
CA GLU B 60 14.95 29.01 -10.40
C GLU B 60 14.88 30.32 -11.18
N GLU B 61 15.93 31.12 -11.08
CA GLU B 61 15.99 32.41 -11.78
C GLU B 61 15.77 32.19 -13.27
N SER B 62 16.44 31.19 -13.82
CA SER B 62 16.32 30.87 -15.24
C SER B 62 14.87 30.46 -15.53
N ALA B 63 14.33 29.62 -14.66
CA ALA B 63 12.96 29.15 -14.80
C ALA B 63 11.98 30.31 -14.73
N LYS B 64 12.31 31.28 -13.89
CA LYS B 64 11.48 32.46 -13.70
C LYS B 64 11.48 33.42 -14.89
N SER B 65 12.53 33.47 -15.65
CA SER B 65 12.55 34.37 -16.76
C SER B 65 11.85 33.85 -18.00
N LEU B 66 11.70 32.55 -18.17
CA LEU B 66 11.01 32.04 -19.35
C LEU B 66 9.61 31.76 -19.08
N ALA B 67 9.19 31.80 -17.83
CA ALA B 67 7.83 31.48 -17.43
C ALA B 67 6.86 32.62 -17.28
N VAL B 68 5.59 32.34 -17.47
CA VAL B 68 4.56 33.30 -17.26
C VAL B 68 4.49 33.21 -15.77
N PRO B 69 4.13 34.27 -15.12
CA PRO B 69 4.07 34.32 -13.68
C PRO B 69 2.69 34.07 -13.17
N LYS B 70 2.59 33.94 -11.85
CA LYS B 70 1.31 33.66 -11.19
C LYS B 70 0.25 34.73 -11.47
N GLU B 71 0.65 35.95 -11.67
CA GLU B 71 -0.28 37.03 -11.91
C GLU B 71 -1.11 36.92 -13.18
N TYR B 72 -0.73 36.05 -14.08
CA TYR B 72 -1.43 35.89 -15.33
C TYR B 72 -2.14 34.60 -15.43
N MET B 73 -2.08 33.81 -14.40
CA MET B 73 -2.65 32.46 -14.34
C MET B 73 -3.77 32.31 -13.31
N GLY B 74 -4.52 33.39 -13.11
CA GLY B 74 -5.63 33.42 -12.18
C GLY B 74 -7.03 33.33 -12.75
N GLU B 75 -7.25 34.04 -13.84
CA GLU B 75 -8.55 34.15 -14.48
C GLU B 75 -8.97 32.95 -15.32
N HIS B 76 -9.74 32.04 -14.75
CA HIS B 76 -10.25 30.86 -15.46
C HIS B 76 -11.69 31.04 -15.94
N VAL B 77 -11.88 31.25 -17.19
CA VAL B 77 -13.18 31.50 -17.77
C VAL B 77 -13.95 30.43 -18.47
N TYR B 78 -15.14 30.22 -18.25
CA TYR B 78 -16.13 29.40 -18.93
C TYR B 78 -16.96 30.28 -19.85
N ALA B 79 -16.96 29.90 -20.70
CA ALA B 79 -17.76 30.66 -21.64
C ALA B 79 -18.25 29.82 -22.78
N THR B 80 -18.85 30.46 -23.77
CA THR B 80 -19.31 29.74 -24.94
C THR B 80 -18.25 29.84 -26.01
N SER B 81 -17.34 30.82 -25.85
CA SER B 81 -16.56 31.13 -27.02
C SER B 81 -15.75 32.22 -26.42
N LEU B 82 -14.58 32.44 -27.01
CA LEU B 82 -13.58 33.32 -26.41
C LEU B 82 -14.11 34.69 -26.47
N ALA B 83 -14.75 34.91 -27.58
CA ALA B 83 -15.40 36.19 -27.85
C ALA B 83 -16.86 36.24 -27.54
N GLY B 84 -17.33 35.18 -26.95
CA GLY B 84 -18.69 35.09 -26.47
C GLY B 84 -18.96 35.65 -25.09
N GLU B 85 -19.99 35.12 -24.46
CA GLU B 85 -20.36 35.62 -23.15
C GLU B 85 -19.98 34.57 -22.17
N GLU B 86 -19.42 34.96 -21.05
CA GLU B 86 -18.98 33.98 -20.10
C GLU B 86 -20.07 33.45 -19.19
N PHE B 87 -19.92 32.22 -18.70
CA PHE B 87 -20.87 31.70 -17.77
C PHE B 87 -20.43 32.16 -16.42
N GLY B 88 -19.12 32.25 -16.23
CA GLY B 88 -18.57 32.69 -14.97
C GLY B 88 -17.07 32.45 -14.94
N ARG B 89 -16.45 32.57 -13.76
CA ARG B 89 -15.03 32.45 -13.60
C ARG B 89 -14.61 31.96 -12.26
N ILE B 90 -13.61 31.23 -12.11
CA ILE B 90 -13.17 30.79 -10.81
C ILE B 90 -11.76 31.30 -10.65
N PRO B 91 -11.26 31.34 -9.45
CA PRO B 91 -9.92 31.80 -9.24
C PRO B 91 -8.99 30.65 -9.28
N ALA B 92 -8.42 30.40 -10.46
CA ALA B 92 -7.51 29.30 -10.66
C ALA B 92 -6.10 29.59 -10.19
N TRP B 93 -5.38 28.55 -9.91
CA TRP B 93 -4.02 28.62 -9.46
C TRP B 93 -3.79 29.61 -8.31
N ALA B 94 -4.54 29.41 -7.22
CA ALA B 94 -4.41 30.22 -6.01
C ALA B 94 -4.46 31.72 -6.22
N SER B 95 -5.38 32.18 -7.07
CA SER B 95 -5.53 33.60 -7.34
C SER B 95 -6.24 34.28 -6.18
N HIS B 96 -7.27 33.64 -5.66
CA HIS B 96 -8.04 34.18 -4.55
C HIS B 96 -7.12 34.56 -3.45
N PRO B 97 -7.25 35.79 -2.98
CA PRO B 97 -6.39 36.30 -1.94
C PRO B 97 -6.13 35.39 -0.76
N GLN B 98 -7.09 34.56 -0.38
CA GLN B 98 -6.93 33.66 0.75
C GLN B 98 -6.00 32.54 0.29
N ALA B 99 -6.31 32.04 -0.88
CA ALA B 99 -5.55 31.00 -1.47
C ALA B 99 -4.14 31.41 -1.70
N HIS B 100 -3.94 32.68 -2.05
CA HIS B 100 -2.61 33.22 -2.29
C HIS B 100 -1.80 33.31 -1.00
N ALA B 101 -2.45 33.62 0.10
CA ALA B 101 -1.78 33.70 1.36
C ALA B 101 -1.60 32.08 2.15
N GLU B 102 -2.19 31.38 1.62
CA GLU B 102 -1.86 30.04 1.98
C GLU B 102 -0.78 29.50 1.11
N HIS B 103 -0.64 30.02 -0.10
CA HIS B 103 0.35 29.67 -1.07
C HIS B 103 1.67 30.21 -0.69
N GLU B 104 1.71 31.51 -0.59
CA GLU B 104 2.86 32.28 -0.23
C GLU B 104 3.49 31.91 1.08
N LEU B 105 2.65 31.40 1.99
CA LEU B 105 3.11 31.01 3.31
C LEU B 105 3.63 29.58 3.38
N ALA B 106 3.55 28.84 2.31
CA ALA B 106 4.03 27.48 2.33
C ALA B 106 5.38 27.30 1.71
N SER B 107 5.85 28.24 0.92
CA SER B 107 7.08 28.02 0.24
C SER B 107 7.66 29.32 -0.18
N PRO B 108 8.95 29.38 -0.45
CA PRO B 108 9.46 30.66 -0.94
C PRO B 108 9.27 30.78 -2.44
N SER B 109 8.88 29.69 -3.06
CA SER B 109 8.60 29.64 -4.50
C SER B 109 7.13 29.91 -4.78
N ARG B 110 6.77 29.98 -6.05
CA ARG B 110 5.41 30.19 -6.51
C ARG B 110 5.07 29.52 -7.80
N TYR B 111 3.80 29.37 -8.06
CA TYR B 111 3.33 28.87 -9.31
C TYR B 111 3.87 29.72 -10.45
N CYS B 112 4.10 29.06 -11.55
CA CYS B 112 4.50 29.71 -12.76
C CYS B 112 4.02 28.87 -13.90
N ASP B 113 3.97 29.51 -15.19
CA ASP B 113 3.62 28.66 -16.28
C ASP B 113 4.76 28.51 -17.21
N LEU B 114 5.35 27.33 -17.17
CA LEU B 114 6.46 27.04 -18.08
C LEU B 114 6.24 25.73 -18.82
N PRO B 115 5.91 25.82 -20.10
CA PRO B 115 5.66 24.64 -20.93
C PRO B 115 6.89 23.74 -20.96
N GLN B 116 6.68 22.44 -21.15
CA GLN B 116 7.78 21.49 -21.20
C GLN B 116 8.68 21.77 -22.40
N LEU B 117 8.12 22.45 -23.40
CA LEU B 117 8.85 22.79 -24.61
C LEU B 117 10.06 23.66 -24.28
N TYR B 118 10.07 24.28 -23.12
CA TYR B 118 11.16 25.09 -22.70
C TYR B 118 11.76 24.64 -21.41
N PHE B 119 11.12 23.74 -20.72
CA PHE B 119 11.59 23.27 -19.43
C PHE B 119 12.58 22.16 -19.57
N GLU B 120 12.47 21.42 -20.63
CA GLU B 120 13.34 20.33 -20.88
C GLU B 120 14.76 20.72 -21.32
N PRO B 121 14.82 21.54 -22.42
CA PRO B 121 16.16 21.93 -22.85
C PRO B 121 16.94 22.69 -21.85
N MET B 122 16.27 23.27 -20.89
CA MET B 122 16.92 24.02 -19.89
C MET B 122 17.59 23.09 -18.93
N VAL B 123 16.94 21.97 -18.63
CA VAL B 123 17.46 20.99 -17.70
C VAL B 123 18.44 20.04 -18.37
N VAL B 124 18.19 19.63 -19.59
CA VAL B 124 19.09 18.74 -20.27
C VAL B 124 20.45 19.40 -20.47
N SER B 125 20.42 20.68 -20.85
CA SER B 125 21.63 21.44 -21.09
C SER B 125 22.44 21.64 -19.82
N GLU B 126 21.76 21.71 -18.69
CA GLU B 126 22.41 21.89 -17.40
C GLU B 126 23.04 20.60 -16.88
N ALA B 127 22.41 19.48 -17.22
CA ALA B 127 22.90 18.18 -16.80
C ALA B 127 24.22 17.90 -17.53
N ALA B 128 24.25 18.25 -18.81
CA ALA B 128 25.45 18.05 -19.62
C ALA B 128 26.57 19.00 -19.21
N LEU B 129 26.20 20.21 -18.84
CA LEU B 129 27.16 21.23 -18.42
C LEU B 129 27.69 20.87 -17.05
N ARG B 130 26.89 20.19 -16.27
CA ARG B 130 27.30 19.81 -14.94
C ARG B 130 28.06 18.49 -14.83
N GLY B 131 28.12 17.68 -15.86
CA GLY B 131 28.94 16.50 -15.82
C GLY B 131 28.38 15.25 -16.40
N ALA B 132 27.10 15.25 -16.69
CA ALA B 132 26.48 14.08 -17.23
C ALA B 132 26.63 13.85 -18.70
N ASP B 133 26.69 12.60 -19.11
CA ASP B 133 26.81 12.28 -20.51
C ASP B 133 25.41 12.16 -21.07
N VAL B 134 25.15 12.95 -22.10
CA VAL B 134 23.84 12.97 -22.72
C VAL B 134 23.97 12.39 -24.10
N ARG B 135 22.94 11.68 -24.54
CA ARG B 135 23.03 11.07 -25.86
C ARG B 135 21.68 10.70 -26.38
N PHE B 136 21.20 11.53 -27.31
CA PHE B 136 19.90 11.31 -27.93
C PHE B 136 20.05 10.35 -29.09
N LEU B 137 18.95 9.99 -29.70
CA LEU B 137 18.93 9.07 -30.81
C LEU B 137 19.63 7.80 -30.47
N THR B 138 19.32 7.31 -29.30
CA THR B 138 19.84 6.11 -28.78
C THR B 138 18.67 5.50 -28.13
N GLU B 139 18.31 4.32 -28.58
CA GLU B 139 17.16 3.62 -28.09
C GLU B 139 17.49 2.46 -27.28
N TYR B 140 17.02 2.45 -26.07
CA TYR B 140 17.23 1.33 -25.18
C TYR B 140 16.43 0.13 -25.60
N LEU B 141 17.11 -0.99 -25.68
CA LEU B 141 16.52 -2.22 -26.13
C LEU B 141 16.23 -3.21 -25.05
N GLY B 142 17.06 -3.29 -24.04
CA GLY B 142 16.84 -4.21 -22.97
C GLY B 142 18.04 -4.41 -22.12
N HIS B 143 17.92 -5.13 -21.01
CA HIS B 143 19.08 -5.33 -20.19
C HIS B 143 18.99 -6.62 -19.51
N VAL B 144 20.06 -6.94 -18.83
CA VAL B 144 20.20 -8.15 -18.07
C VAL B 144 20.88 -7.78 -16.78
N GLU B 145 20.32 -8.04 -15.62
CA GLU B 145 21.02 -7.67 -14.40
C GLU B 145 21.75 -8.82 -13.77
N ASP B 146 22.99 -8.59 -13.38
CA ASP B 146 23.77 -9.56 -12.63
C ASP B 146 23.96 -9.11 -11.17
N GLN B 147 24.91 -9.64 -10.44
CA GLN B 147 25.04 -9.21 -9.04
C GLN B 147 25.88 -8.01 -8.84
N ASP B 148 26.58 -7.57 -9.86
CA ASP B 148 27.44 -6.45 -9.66
C ASP B 148 27.05 -5.18 -10.43
N GLY B 149 26.09 -5.30 -11.33
CA GLY B 149 25.64 -4.17 -12.11
C GLY B 149 24.72 -4.62 -13.19
N VAL B 150 24.52 -3.83 -14.22
CA VAL B 150 23.63 -4.20 -15.30
C VAL B 150 24.30 -3.95 -16.62
N THR B 151 23.83 -4.63 -17.66
CA THR B 151 24.40 -4.50 -18.99
C THR B 151 23.36 -4.43 -20.13
N ALA B 152 22.81 -3.25 -20.26
CA ALA B 152 21.87 -2.94 -21.28
C ALA B 152 22.44 -2.79 -22.69
N ARG B 153 21.57 -3.07 -23.65
CA ARG B 153 21.90 -2.99 -25.07
C ARG B 153 21.23 -1.77 -25.65
N LEU B 154 22.01 -0.99 -26.39
CA LEU B 154 21.51 0.24 -27.00
C LEU B 154 21.64 0.29 -28.52
N LEU B 155 20.59 0.78 -29.17
CA LEU B 155 20.56 0.95 -30.62
C LEU B 155 20.83 2.43 -30.87
N ASP B 156 21.73 2.73 -31.80
CA ASP B 156 22.06 4.10 -32.06
C ASP B 156 21.40 4.42 -33.35
N HIS B 157 20.62 5.49 -33.39
CA HIS B 157 19.91 5.85 -34.58
C HIS B 157 20.63 6.73 -35.51
N VAL B 158 21.82 7.08 -35.14
CA VAL B 158 22.67 7.89 -36.02
C VAL B 158 23.66 7.04 -36.83
N SER B 159 24.22 6.01 -36.20
CA SER B 159 25.18 5.15 -36.87
C SER B 159 24.63 3.76 -37.27
N GLY B 160 23.53 3.37 -36.64
CA GLY B 160 22.92 2.08 -36.92
C GLY B 160 23.53 1.07 -35.96
N ALA B 161 24.69 1.42 -35.43
CA ALA B 161 25.40 0.55 -34.50
C ALA B 161 24.60 0.24 -33.25
N GLU B 162 24.91 -0.92 -32.67
CA GLU B 162 24.29 -1.40 -31.45
C GLU B 162 25.43 -1.59 -30.48
N TYR B 163 25.19 -1.35 -29.21
CA TYR B 163 26.24 -1.44 -28.22
C TYR B 163 25.74 -1.63 -26.77
N GLU B 164 26.65 -2.10 -25.94
CA GLU B 164 26.35 -2.38 -24.54
C GLU B 164 26.96 -1.32 -23.66
N VAL B 165 26.31 -1.11 -22.52
CA VAL B 165 26.75 -0.12 -21.54
C VAL B 165 26.66 -0.78 -20.18
N ARG B 166 27.79 -0.88 -19.51
CA ARG B 166 27.87 -1.52 -18.20
C ARG B 166 27.75 -0.53 -17.06
N ALA B 167 26.61 -0.56 -16.38
CA ALA B 167 26.39 0.33 -15.25
C ALA B 167 26.12 -0.36 -13.93
N LYS B 168 26.01 0.43 -12.87
CA LYS B 168 25.73 -0.10 -11.54
C LYS B 168 24.23 -0.14 -11.33
N TYR B 169 23.55 0.91 -11.74
CA TYR B 169 22.12 1.01 -11.63
C TYR B 169 21.52 1.60 -12.85
N ILE B 170 20.25 1.35 -13.06
CA ILE B 170 19.54 1.90 -14.15
C ILE B 170 18.36 2.66 -13.62
N ILE B 171 18.16 3.85 -14.12
CA ILE B 171 17.03 4.59 -13.73
C ILE B 171 16.14 4.52 -14.92
N GLY B 172 14.97 3.99 -14.70
CA GLY B 172 13.93 3.94 -15.71
C GLY B 172 13.00 5.14 -15.80
N ALA B 173 13.37 6.11 -16.59
CA ALA B 173 12.59 7.29 -16.79
C ALA B 173 12.17 7.22 -18.21
N ASP B 174 11.54 6.10 -18.57
CA ASP B 174 11.11 5.92 -19.92
C ASP B 174 9.73 6.22 -20.41
N GLY B 175 8.97 6.88 -19.58
CA GLY B 175 7.68 7.40 -19.98
C GLY B 175 6.89 6.42 -19.63
N ALA B 176 5.41 6.79 -20.38
CA ALA B 176 4.15 6.06 -20.29
C ALA B 176 4.17 4.57 -20.64
N HIS B 177 5.03 4.17 -21.54
CA HIS B 177 5.13 2.78 -21.93
C HIS B 177 6.54 2.34 -21.65
N SER B 178 6.92 2.48 -20.39
CA SER B 178 8.26 2.14 -19.92
C SER B 178 8.69 0.71 -20.21
N LEU B 179 9.60 0.56 -21.17
CA LEU B 179 10.12 -0.76 -21.51
C LEU B 179 10.91 -1.21 -20.31
N VAL B 180 11.49 -0.28 -19.60
CA VAL B 180 12.26 -0.62 -18.44
C VAL B 180 11.39 -1.11 -17.30
N ALA B 181 10.15 -0.67 -17.23
CA ALA B 181 9.22 -1.11 -16.20
C ALA B 181 8.81 -2.54 -16.53
N GLN B 182 8.52 -2.79 -17.80
CA GLN B 182 8.10 -4.11 -18.26
C GLN B 182 9.18 -5.17 -18.10
N ASN B 183 10.42 -4.74 -18.17
CA ASN B 183 11.55 -5.62 -18.08
C ASN B 183 11.95 -5.89 -16.68
N ALA B 184 11.61 -4.97 -15.79
CA ALA B 184 11.90 -5.11 -14.38
C ALA B 184 10.72 -5.83 -13.74
N GLY B 185 9.64 -5.99 -14.48
CA GLY B 185 8.45 -6.67 -13.98
C GLY B 185 7.64 -5.95 -12.92
N LEU B 186 7.61 -4.63 -12.94
CA LEU B 186 6.87 -3.88 -11.92
C LEU B 186 5.34 -3.99 -12.02
N PRO B 187 4.67 -4.45 -10.98
CA PRO B 187 3.23 -4.57 -11.01
C PRO B 187 2.56 -3.23 -10.99
N PHE B 188 1.51 -3.10 -11.80
CA PHE B 188 0.69 -1.92 -11.96
C PHE B 188 -0.70 -2.16 -11.46
N GLU B 189 -1.33 -1.15 -10.91
CA GLU B 189 -2.65 -1.28 -10.38
C GLU B 189 -3.48 -0.10 -10.75
N GLY B 190 -4.68 -0.04 -10.23
CA GLY B 190 -5.55 1.09 -10.43
C GLY B 190 -5.89 1.23 -11.85
N GLN B 191 -6.03 0.07 -12.46
CA GLN B 191 -6.31 -0.07 -13.85
C GLN B 191 -7.60 0.55 -14.33
N MET B 192 -8.54 0.62 -13.40
CA MET B 192 -9.89 1.16 -13.56
C MET B 192 -10.01 2.67 -13.80
N GLY B 193 -9.54 3.12 -14.94
CA GLY B 193 -9.65 4.53 -15.26
C GLY B 193 -10.57 4.63 -16.47
N ILE B 194 -11.84 4.30 -16.25
CA ILE B 194 -12.86 4.35 -17.29
C ILE B 194 -12.33 3.94 -18.65
N GLY B 195 -13.22 3.80 -19.61
CA GLY B 195 -12.85 3.42 -20.96
C GLY B 195 -11.65 4.21 -21.43
N ASP B 196 -10.60 3.52 -21.85
CA ASP B 196 -9.38 4.19 -22.30
C ASP B 196 -9.82 5.44 -23.07
N SER B 197 -9.24 6.60 -22.75
CA SER B 197 -9.66 7.81 -23.44
C SER B 197 -8.44 8.67 -23.73
N GLY B 198 -8.51 9.43 -24.82
CA GLY B 198 -7.45 10.30 -25.19
C GLY B 198 -7.91 11.75 -25.27
N SER B 199 -7.01 12.61 -25.73
CA SER B 199 -7.26 14.04 -25.93
C SER B 199 -6.55 14.46 -27.22
N ILE B 200 -7.15 15.40 -27.95
CA ILE B 200 -6.58 15.95 -29.18
C ILE B 200 -6.09 17.34 -28.89
N ASN B 201 -4.84 17.59 -29.21
CA ASN B 201 -4.18 18.90 -29.03
C ASN B 201 -3.73 19.68 -30.25
N ILE B 202 -4.28 20.85 -30.46
CA ILE B 202 -3.95 21.66 -31.61
C ILE B 202 -3.31 22.98 -31.35
N GLU B 203 -2.09 23.16 -31.76
CA GLU B 203 -1.45 24.43 -31.63
C GLU B 203 -1.78 25.45 -32.69
N PHE B 204 -1.78 26.73 -32.34
CA PHE B 204 -2.10 27.72 -33.35
C PHE B 204 -1.70 29.11 -32.92
N SER B 205 -1.25 29.93 -33.87
CA SER B 205 -0.86 31.28 -33.48
C SER B 205 -1.91 32.30 -33.83
N ALA B 206 -2.23 33.19 -32.90
CA ALA B 206 -3.23 34.23 -33.11
C ALA B 206 -3.25 35.32 -32.02
N ASP B 207 -3.21 36.59 -32.41
CA ASP B 207 -3.15 37.73 -31.50
C ASP B 207 -4.50 38.03 -30.85
N LEU B 208 -4.78 37.29 -29.79
CA LEU B 208 -6.00 37.37 -29.02
C LEU B 208 -5.83 38.19 -27.74
N SER B 209 -4.86 39.04 -27.75
CA SER B 209 -4.57 39.98 -26.70
C SER B 209 -5.62 41.06 -26.46
N SER B 210 -6.64 41.08 -27.31
CA SER B 210 -7.71 42.05 -27.20
C SER B 210 -8.90 41.45 -26.48
N LEU B 211 -8.79 40.17 -26.13
CA LEU B 211 -9.86 39.46 -25.44
C LEU B 211 -9.34 38.80 -24.16
N CYS B 212 -8.03 38.89 -23.94
CA CYS B 212 -7.43 38.29 -22.75
C CYS B 212 -6.88 39.34 -21.80
N GLU B 213 -6.06 40.22 -22.34
CA GLU B 213 -5.42 41.23 -21.51
C GLU B 213 -6.25 41.79 -20.37
N HIS B 214 -7.54 41.93 -20.53
CA HIS B 214 -8.37 42.46 -19.46
C HIS B 214 -8.79 41.43 -18.46
N ARG B 215 -8.62 40.19 -18.83
CA ARG B 215 -8.93 39.07 -17.95
C ARG B 215 -7.80 38.07 -18.17
N LYS B 216 -6.66 38.30 -17.54
CA LYS B 216 -5.49 37.44 -17.76
C LYS B 216 -5.63 36.01 -17.26
N GLY B 217 -5.76 35.05 -18.18
CA GLY B 217 -5.84 33.68 -17.71
C GLY B 217 -5.00 32.60 -18.36
N ASP B 218 -4.58 31.63 -17.57
CA ASP B 218 -3.78 30.52 -18.06
C ASP B 218 -4.70 29.66 -18.83
N MET B 219 -5.98 29.71 -18.48
CA MET B 219 -6.97 28.89 -19.20
C MET B 219 -8.39 29.46 -19.39
N TYR B 220 -8.91 29.25 -20.59
CA TYR B 220 -10.29 29.64 -21.04
C TYR B 220 -11.11 28.47 -21.60
N TRP B 221 -12.00 27.91 -20.80
CA TRP B 221 -12.80 26.76 -21.18
C TRP B 221 -14.13 26.95 -21.86
N MET B 222 -14.30 26.29 -22.99
CA MET B 222 -15.58 26.45 -23.69
C MET B 222 -16.51 25.23 -23.59
N PHE B 223 -17.77 25.47 -23.25
CA PHE B 223 -18.75 24.40 -23.12
C PHE B 223 -19.41 24.09 -24.46
N GLY B 233 -17.32 20.20 -27.26
CA GLY B 233 -17.45 19.25 -26.18
C GLY B 233 -16.43 19.48 -25.08
N VAL B 234 -16.69 20.45 -24.22
CA VAL B 234 -15.73 20.79 -23.17
C VAL B 234 -14.32 21.00 -23.75
N ALA B 235 -14.12 22.12 -24.44
CA ALA B 235 -12.85 22.43 -25.05
C ALA B 235 -12.05 23.50 -24.33
N ALA B 236 -10.75 23.31 -24.23
CA ALA B 236 -9.89 24.26 -23.57
C ALA B 236 -8.92 25.01 -24.44
N LEU B 237 -8.89 26.33 -24.22
CA LEU B 237 -7.98 27.21 -24.93
C LEU B 237 -6.90 27.59 -23.92
N ARG B 238 -5.70 27.04 -24.09
CA ARG B 238 -4.63 27.29 -23.17
C ARG B 238 -3.66 28.27 -23.78
N MET B 239 -2.92 28.97 -22.93
CA MET B 239 -1.96 29.96 -23.41
C MET B 239 -0.51 29.49 -23.36
N ILE B 240 0.07 29.24 -24.52
CA ILE B 240 1.46 28.81 -24.62
C ILE B 240 2.32 30.03 -24.27
N ARG B 241 2.00 31.18 -24.86
CA ARG B 241 2.74 32.40 -24.59
C ARG B 241 1.68 33.47 -24.58
N PRO B 242 1.94 34.57 -23.88
CA PRO B 242 0.96 35.67 -23.79
C PRO B 242 1.18 36.73 -24.87
N TRP B 243 0.22 36.93 -25.75
CA TRP B 243 -1.02 36.20 -25.74
C TRP B 243 -1.30 35.74 -27.14
N ASN B 244 -0.23 35.51 -27.91
CA ASN B 244 -0.30 35.10 -29.32
C ASN B 244 -0.13 33.60 -29.68
N LYS B 245 0.43 32.79 -28.79
CA LYS B 245 0.58 31.36 -29.00
C LYS B 245 -0.39 30.59 -28.11
N TRP B 246 -1.23 29.76 -28.73
CA TRP B 246 -2.21 28.99 -27.98
C TRP B 246 -2.16 27.51 -28.33
N ILE B 247 -3.21 26.78 -27.94
CA ILE B 247 -3.29 25.40 -28.20
C ILE B 247 -4.74 25.14 -27.93
N CYS B 248 -5.29 24.11 -28.53
CA CYS B 248 -6.71 23.81 -28.36
C CYS B 248 -6.83 22.37 -27.94
N VAL B 249 -7.57 22.14 -26.86
CA VAL B 249 -7.69 20.81 -26.41
C VAL B 249 -9.11 20.46 -26.20
N TRP B 250 -9.40 19.27 -26.62
CA TRP B 250 -10.70 18.60 -26.40
C TRP B 250 -10.63 17.06 -26.64
N GLY B 251 -11.30 16.28 -25.80
CA GLY B 251 -11.36 14.83 -25.87
C GLY B 251 -12.21 14.34 -27.01
N PRO B 259 -11.02 6.73 -34.13
CA PRO B 259 -9.75 7.45 -34.20
C PRO B 259 -10.00 8.89 -34.51
N GLU B 260 -8.98 9.74 -34.47
CA GLU B 260 -9.14 11.17 -34.71
C GLU B 260 -8.07 11.73 -35.68
N ILE B 261 -8.42 12.68 -36.55
CA ILE B 261 -7.47 13.29 -37.53
C ILE B 261 -8.01 14.59 -38.14
N THR B 262 -7.24 15.68 -38.08
CA THR B 262 -7.73 16.95 -38.61
C THR B 262 -6.89 17.49 -39.77
N LYS B 263 -7.49 18.36 -40.58
CA LYS B 263 -6.79 18.93 -41.70
C LYS B 263 -6.51 20.43 -41.82
N GLU B 264 -7.45 21.13 -42.41
CA GLU B 264 -7.38 22.57 -42.64
C GLU B 264 -8.74 22.92 -42.14
N GLU B 265 -9.40 21.90 -41.64
CA GLU B 265 -10.71 22.01 -41.08
C GLU B 265 -10.52 22.46 -39.62
N ALA B 266 -9.33 22.22 -39.10
CA ALA B 266 -9.01 22.59 -37.73
C ALA B 266 -9.10 24.09 -37.58
N LYS B 267 -8.73 24.79 -38.65
CA LYS B 267 -8.79 26.25 -38.67
C LYS B 267 -10.24 26.69 -38.48
N LYS B 268 -11.16 25.75 -38.63
CA LYS B 268 -12.55 26.06 -38.47
C LYS B 268 -12.89 25.92 -37.03
N ILE B 269 -12.52 24.81 -36.41
CA ILE B 269 -12.84 24.57 -35.00
C ILE B 269 -12.36 25.74 -34.13
N ILE B 270 -11.09 26.09 -34.31
CA ILE B 270 -10.46 27.18 -33.58
C ILE B 270 -11.28 28.45 -33.75
N HIS B 271 -11.62 28.78 -34.99
CA HIS B 271 -12.41 29.97 -35.27
C HIS B 271 -13.70 29.94 -34.47
N GLU B 272 -14.25 28.74 -34.31
CA GLU B 272 -15.49 28.55 -33.56
C GLU B 272 -15.20 28.72 -32.08
N ILE B 273 -14.09 28.16 -31.63
CA ILE B 273 -13.65 28.25 -30.26
C ILE B 273 -13.41 29.69 -29.89
N ILE B 274 -12.84 30.45 -30.80
CA ILE B 274 -12.55 31.86 -30.58
C ILE B 274 -13.80 32.70 -30.65
N GLY B 275 -14.89 32.07 -31.08
CA GLY B 275 -16.17 32.75 -31.21
C GLY B 275 -16.22 33.69 -32.39
N THR B 276 -15.06 33.90 -33.01
CA THR B 276 -14.97 34.79 -34.17
C THR B 276 -13.97 34.26 -35.19
N ASP B 277 -14.08 34.73 -36.42
CA ASP B 277 -13.18 34.31 -37.50
C ASP B 277 -12.48 35.51 -38.10
N GLU B 278 -12.13 36.46 -37.26
CA GLU B 278 -11.47 37.69 -37.71
C GLU B 278 -9.99 37.77 -37.38
N ILE B 279 -9.57 37.22 -36.27
CA ILE B 279 -8.19 37.37 -35.97
C ILE B 279 -7.46 36.37 -36.79
N PRO B 280 -6.43 36.79 -37.50
CA PRO B 280 -5.63 35.90 -38.32
C PRO B 280 -5.07 34.78 -37.50
N VAL B 281 -5.34 33.54 -37.89
CA VAL B 281 -4.84 32.39 -37.16
C VAL B 281 -3.76 31.65 -37.95
N GLU B 282 -2.90 30.95 -37.24
CA GLU B 282 -1.82 30.19 -37.87
C GLU B 282 -1.70 28.80 -37.29
N VAL B 283 -2.37 27.83 -37.91
CA VAL B 283 -2.35 26.46 -37.46
C VAL B 283 -0.96 25.85 -37.40
N GLY B 284 -0.74 25.09 -36.35
CA GLY B 284 0.51 24.45 -36.13
C GLY B 284 0.24 22.99 -35.99
N PRO B 285 1.25 22.29 -35.38
CA PRO B 285 1.02 20.87 -35.27
C PRO B 285 -0.21 20.40 -34.54
N ILE B 286 -0.53 19.17 -34.82
CA ILE B 286 -1.66 18.52 -34.24
C ILE B 286 -1.30 17.18 -33.69
N SER B 287 -1.36 17.04 -32.40
CA SER B 287 -1.04 15.75 -31.78
C SER B 287 -2.26 15.16 -31.09
N THR B 288 -2.03 13.99 -30.50
CA THR B 288 -3.04 13.24 -29.79
C THR B 288 -2.36 12.65 -28.57
N TRP B 289 -3.11 12.47 -27.51
CA TRP B 289 -2.57 11.90 -26.30
C TRP B 289 -3.58 10.99 -25.64
N THR B 290 -3.17 9.80 -25.30
CA THR B 290 -4.08 8.90 -24.64
C THR B 290 -3.42 8.38 -23.40
N ILE B 291 -4.19 7.79 -22.51
CA ILE B 291 -3.58 7.25 -21.32
C ILE B 291 -4.30 6.14 -20.62
N ASN B 292 -3.60 5.06 -20.29
CA ASN B 292 -4.17 4.01 -19.45
C ASN B 292 -3.46 4.45 -17.79
N GLN B 293 -4.74 4.87 -17.26
CA GLN B 293 -4.46 5.34 -15.94
C GLN B 293 -4.06 4.24 -14.99
N GLN B 294 -2.83 4.31 -14.53
CA GLN B 294 -2.26 3.32 -13.66
C GLN B 294 -1.08 3.80 -12.91
N TYR B 295 -0.76 3.14 -11.81
CA TYR B 295 0.39 3.46 -11.02
C TYR B 295 1.07 2.19 -10.63
N ALA B 296 2.39 2.21 -10.56
CA ALA B 296 3.54 1.08 -9.84
C ALA B 296 3.06 0.84 -8.64
N VAL B 297 2.77 -0.39 -8.22
CA VAL B 297 2.68 -0.70 -6.79
C VAL B 297 4.07 -0.51 -6.23
N ARG B 298 5.05 -1.00 -6.98
CA ARG B 298 6.46 -0.89 -6.61
C ARG B 298 7.17 -0.17 -7.75
N ASN B 299 8.20 0.59 -7.41
CA ASN B 299 8.96 1.34 -8.41
C ASN B 299 10.45 1.05 -8.30
N THR B 300 10.74 -0.19 -7.96
CA THR B 300 12.08 -0.66 -7.81
C THR B 300 12.18 -2.17 -7.92
N SER B 301 13.18 -2.66 -8.64
CA SER B 301 13.37 -4.09 -8.80
C SER B 301 14.84 -4.33 -9.11
N GLY B 302 15.55 -4.95 -8.17
CA GLY B 302 16.95 -5.23 -8.35
C GLY B 302 17.80 -3.98 -8.36
N ARG B 303 18.48 -3.73 -9.48
CA ARG B 303 19.32 -2.54 -9.61
C ARG B 303 18.66 -1.58 -10.57
N VAL B 304 17.34 -1.68 -10.70
CA VAL B 304 16.58 -0.83 -11.60
C VAL B 304 15.53 -0.01 -10.86
N PHE B 305 15.43 1.26 -11.18
CA PHE B 305 14.46 2.12 -10.56
C PHE B 305 13.70 2.89 -11.58
N CYS B 306 12.39 2.99 -11.42
CA CYS B 306 11.56 3.74 -12.33
C CYS B 306 11.04 5.00 -11.67
N MET B 307 10.57 5.94 -12.48
CA MET B 307 10.13 7.26 -12.03
C MET B 307 9.38 7.98 -13.09
N GLY B 308 8.71 9.07 -12.79
CA GLY B 308 7.97 9.80 -13.80
C GLY B 308 6.81 9.04 -14.32
N ASP B 309 6.38 9.32 -15.55
CA ASP B 309 5.25 8.62 -16.15
C ASP B 309 5.47 7.10 -16.17
N ALA B 310 6.72 6.68 -16.03
CA ALA B 310 7.04 5.25 -16.03
C ALA B 310 6.24 4.52 -14.95
N VAL B 311 6.07 5.14 -13.81
CA VAL B 311 5.32 4.62 -12.68
C VAL B 311 3.94 5.24 -12.40
N HIS B 312 3.70 6.46 -12.82
CA HIS B 312 2.41 7.08 -12.64
C HIS B 312 1.83 7.63 -13.94
N ARG B 313 0.78 6.99 -14.45
CA ARG B 313 0.14 7.46 -15.67
C ARG B 313 -1.18 8.06 -15.25
N HIS B 314 -1.59 9.16 -15.87
CA HIS B 314 -2.84 9.79 -15.48
C HIS B 314 -3.26 11.00 -16.27
N THR B 315 -4.39 11.56 -15.91
CA THR B 315 -4.92 12.74 -16.56
C THR B 315 -4.20 14.03 -16.24
N PRO B 316 -4.37 15.04 -17.17
CA PRO B 316 -3.69 16.29 -16.85
C PRO B 316 -4.33 17.18 -15.79
N ALA B 317 -5.37 16.70 -15.12
CA ALA B 317 -6.06 17.47 -14.09
C ALA B 317 -5.24 17.73 -12.86
N GLY B 318 -4.89 19.00 -12.66
CA GLY B 318 -4.09 19.41 -11.52
C GLY B 318 -2.61 19.48 -11.87
N GLY B 319 -2.28 19.18 -13.11
CA GLY B 319 -0.89 19.22 -13.56
C GLY B 319 0.10 18.72 -12.52
N LEU B 320 -0.08 17.52 -12.08
CA LEU B 320 0.81 16.98 -11.11
C LEU B 320 1.86 16.06 -11.62
N GLY B 321 1.75 15.68 -12.89
CA GLY B 321 2.68 14.73 -13.46
C GLY B 321 4.13 15.17 -13.47
N LEU B 322 4.45 16.16 -14.25
CA LEU B 322 5.79 16.65 -14.33
C LEU B 322 6.33 17.01 -13.00
N ASN B 323 5.55 17.66 -12.17
CA ASN B 323 5.98 18.06 -10.83
C ASN B 323 6.37 16.83 -10.03
N THR B 324 5.46 15.86 -9.99
CA THR B 324 5.68 14.62 -9.27
C THR B 324 6.86 13.89 -9.90
N SER B 325 7.07 13.95 -11.11
CA SER B 325 8.17 13.31 -11.83
C SER B 325 9.59 13.75 -11.41
N VAL B 326 9.63 15.13 -11.18
CA VAL B 326 10.88 15.81 -10.84
C VAL B 326 11.21 15.45 -9.41
N GLN B 327 10.16 15.43 -8.60
CA GLN B 327 10.28 15.08 -7.19
C GLN B 327 10.73 13.61 -6.99
N ASP B 328 10.37 12.74 -7.93
CA ASP B 328 10.81 11.35 -7.87
C ASP B 328 12.33 11.33 -8.06
N ALA B 329 12.84 12.18 -8.90
CA ALA B 329 14.23 12.29 -9.15
C ALA B 329 15.00 12.84 -8.00
N TYR B 330 14.41 13.86 -7.36
CA TYR B 330 15.02 14.51 -6.21
C TYR B 330 15.18 13.50 -5.09
N ASN B 331 14.18 12.72 -4.85
CA ASN B 331 14.24 11.72 -3.83
C ASN B 331 15.32 10.69 -3.99
N LEU B 332 15.53 10.21 -5.17
CA LEU B 332 16.50 9.12 -5.42
C LEU B 332 17.93 9.45 -5.83
N ALA B 333 18.23 10.70 -6.21
CA ALA B 333 19.58 11.03 -6.62
C ALA B 333 20.59 11.06 -5.52
N TRP B 334 20.33 11.81 -4.47
CA TRP B 334 21.24 11.89 -3.34
C TRP B 334 21.45 10.49 -2.76
N LYS B 335 20.44 9.66 -2.79
CA LYS B 335 20.54 8.32 -2.32
C LYS B 335 21.51 7.50 -3.16
N LEU B 336 21.29 7.46 -4.44
CA LEU B 336 22.20 6.74 -5.32
C LEU B 336 23.65 7.26 -5.21
N ALA B 337 23.78 8.53 -4.86
CA ALA B 337 25.09 9.16 -4.71
C ALA B 337 25.81 8.66 -3.47
N LEU B 338 25.09 8.66 -2.35
CA LEU B 338 25.65 8.21 -1.08
C LEU B 338 26.04 6.74 -1.13
N VAL B 339 25.25 5.86 -1.71
CA VAL B 339 25.57 4.44 -1.84
C VAL B 339 26.72 4.24 -2.81
N LEU B 340 26.75 4.94 -3.90
CA LEU B 340 27.83 4.75 -4.84
C LEU B 340 29.14 5.21 -4.30
N LYS B 341 29.08 6.04 -3.27
CA LYS B 341 30.28 6.56 -2.63
C LYS B 341 30.65 5.72 -1.42
N GLY B 342 29.86 4.69 -1.14
CA GLY B 342 30.10 3.81 -0.01
C GLY B 342 29.81 4.41 1.35
N THR B 343 29.18 5.58 1.36
CA THR B 343 28.86 6.25 2.62
C THR B 343 27.54 5.70 3.18
N ALA B 344 26.74 5.09 2.31
CA ALA B 344 25.46 4.53 2.73
C ALA B 344 25.27 3.13 2.16
N ALA B 345 24.71 2.26 2.98
CA ALA B 345 24.46 0.90 2.61
C ALA B 345 23.41 0.79 1.57
N PRO B 346 23.66 -0.11 0.58
CA PRO B 346 22.61 -0.22 -0.44
C PRO B 346 21.14 -0.23 0.04
N THR B 347 20.90 -0.57 1.31
CA THR B 347 19.56 -0.61 1.86
C THR B 347 18.91 0.77 1.74
N LEU B 348 19.74 1.81 1.84
CA LEU B 348 19.27 3.18 1.76
C LEU B 348 18.38 3.37 0.54
N LEU B 349 18.53 2.51 -0.46
CA LEU B 349 17.73 2.62 -1.63
C LEU B 349 16.38 2.02 -1.60
N ASP B 350 16.05 1.31 -0.53
CA ASP B 350 14.70 0.72 -0.42
C ASP B 350 13.59 1.76 -0.23
N SER B 351 14.11 2.37 0.30
CA SER B 351 12.99 3.83 0.78
C SER B 351 12.56 4.65 -0.36
N TYR B 352 13.06 4.40 -1.54
CA TYR B 352 12.65 5.13 -2.68
C TYR B 352 11.28 4.60 -2.94
N ASP B 353 11.09 3.31 -2.80
CA ASP B 353 9.81 2.67 -3.01
C ASP B 353 8.87 2.99 -1.91
N ALA B 354 9.35 3.10 -0.72
CA ALA B 354 8.55 3.41 0.41
C ALA B 354 8.36 4.89 0.58
N GLU B 355 8.92 5.66 -0.30
CA GLU B 355 8.98 7.11 -0.16
C GLU B 355 8.41 7.82 -1.39
N ARG B 356 8.17 7.06 -2.46
CA ARG B 356 7.63 7.63 -3.68
C ARG B 356 6.35 6.93 -4.13
N SER B 357 6.37 5.60 -4.09
CA SER B 357 5.22 4.79 -4.50
C SER B 357 3.90 5.37 -3.98
N PRO B 358 3.85 5.60 -2.60
CA PRO B 358 2.56 6.14 -2.13
C PRO B 358 2.13 7.39 -2.91
N VAL B 359 3.10 8.20 -3.32
CA VAL B 359 2.80 9.42 -4.06
C VAL B 359 2.28 9.08 -5.46
N ALA B 360 2.74 7.97 -6.01
CA ALA B 360 2.34 7.51 -7.32
C ALA B 360 0.90 7.16 -7.37
N LYS B 361 0.48 6.38 -6.39
CA LYS B 361 -0.92 5.94 -6.30
C LYS B 361 -1.88 7.06 -5.92
N GLN B 362 -1.39 8.03 -5.15
CA GLN B 362 -2.21 9.14 -4.70
C GLN B 362 -2.50 10.14 -5.81
N ILE B 363 -1.53 10.38 -6.69
CA ILE B 363 -1.68 11.31 -7.80
C ILE B 363 -2.45 10.73 -8.93
N VAL B 364 -2.30 9.48 -9.26
CA VAL B 364 -3.12 8.88 -10.30
C VAL B 364 -4.56 8.89 -9.88
N GLU B 365 -4.85 8.64 -8.63
CA GLU B 365 -6.22 8.65 -8.23
C GLU B 365 -6.78 10.05 -8.12
N ARG B 366 -5.99 11.00 -7.64
CA ARG B 366 -6.46 12.37 -7.51
C ARG B 366 -6.73 12.99 -8.87
N ALA B 367 -5.84 12.73 -9.82
CA ALA B 367 -5.98 13.24 -11.17
C ALA B 367 -7.28 12.74 -11.79
N PHE B 368 -7.62 11.49 -11.59
CA PHE B 368 -8.83 10.92 -12.13
C PHE B 368 -10.11 11.43 -11.50
N LYS B 369 -10.08 11.52 -10.17
CA LYS B 369 -11.22 11.98 -9.40
C LYS B 369 -11.67 13.35 -9.88
N SER B 370 -10.73 14.20 -10.23
CA SER B 370 -11.01 15.54 -10.71
C SER B 370 -11.80 15.60 -12.00
N LEU B 371 -11.98 14.52 -12.72
CA LEU B 371 -12.75 14.68 -13.91
C LEU B 371 -14.19 14.64 -13.57
N SER B 372 -14.51 13.96 -12.51
CA SER B 372 -15.87 13.88 -12.12
C SER B 372 -16.48 15.19 -11.58
N THR B 373 -15.69 16.25 -11.60
CA THR B 373 -16.16 17.55 -11.12
C THR B 373 -16.34 18.45 -12.33
N PHE B 374 -16.49 17.90 -13.52
CA PHE B 374 -16.63 18.75 -14.70
C PHE B 374 -18.02 18.67 -15.30
N PRO B 375 -18.56 17.47 -15.23
CA PRO B 375 -19.90 17.15 -15.74
C PRO B 375 -20.99 17.79 -14.94
N PRO B 376 -20.89 17.87 -13.60
CA PRO B 376 -22.04 18.52 -12.96
C PRO B 376 -22.25 19.93 -13.43
N VAL B 377 -21.27 20.42 -14.12
CA VAL B 377 -21.37 21.76 -14.67
C VAL B 377 -22.54 21.87 -15.64
N PHE B 378 -22.80 20.79 -16.35
CA PHE B 378 -23.88 20.75 -17.31
C PHE B 378 -25.12 20.38 -16.55
N GLU B 379 -25.00 19.34 -15.77
CA GLU B 379 -26.18 18.86 -15.07
C GLU B 379 -26.82 20.17 -14.70
N ALA B 380 -25.95 21.09 -14.31
CA ALA B 380 -26.32 22.45 -13.95
C ALA B 380 -27.15 23.12 -15.02
N LEU B 381 -26.56 23.31 -16.19
CA LEU B 381 -27.23 24.03 -17.28
C LEU B 381 -28.22 23.12 -17.92
N SER B 382 -28.76 22.19 -17.15
CA SER B 382 -29.79 21.27 -17.63
C SER B 382 -29.56 20.77 -19.05
N LEU B 383 -28.38 20.21 -19.27
CA LEU B 383 -28.00 19.65 -20.55
C LEU B 383 -27.50 18.20 -20.42
N PRO B 384 -27.76 17.39 -21.45
CA PRO B 384 -27.33 15.98 -21.45
C PRO B 384 -25.82 15.91 -21.62
N PRO B 385 -25.22 14.72 -21.71
CA PRO B 385 -23.77 14.71 -21.88
C PRO B 385 -23.08 15.13 -23.16
N ALA B 386 -23.64 16.11 -23.86
CA ALA B 386 -23.05 16.55 -25.11
C ALA B 386 -23.53 17.93 -25.50
N PRO B 387 -22.76 18.61 -26.36
CA PRO B 387 -23.13 19.96 -26.79
C PRO B 387 -23.67 20.03 -28.21
N THR B 388 -24.79 20.73 -28.39
CA THR B 388 -25.41 20.90 -29.68
C THR B 388 -25.35 22.39 -29.91
N GLU B 389 -26.27 22.92 -30.70
CA GLU B 389 -26.29 24.37 -30.96
C GLU B 389 -27.47 25.04 -30.28
N SER B 390 -28.66 24.52 -30.54
CA SER B 390 -29.91 25.03 -29.99
C SER B 390 -30.12 24.75 -28.50
N GLU B 391 -29.54 23.64 -28.05
CA GLU B 391 -29.57 23.28 -26.65
C GLU B 391 -28.55 24.18 -25.92
N MET B 392 -27.55 24.68 -26.63
CA MET B 392 -26.55 25.57 -26.01
C MET B 392 -26.83 27.02 -26.16
N ALA B 393 -28.05 27.33 -26.52
CA ALA B 393 -28.47 28.70 -26.67
C ALA B 393 -29.70 28.85 -25.80
N GLU B 394 -30.41 27.75 -25.60
CA GLU B 394 -31.59 27.74 -24.77
C GLU B 394 -31.16 27.16 -23.42
N ALA B 395 -29.95 27.55 -23.06
CA ALA B 395 -29.29 27.22 -21.82
C ALA B 395 -28.95 28.60 -21.40
N LEU B 396 -28.31 29.29 -22.32
CA LEU B 396 -27.94 30.68 -22.17
C LEU B 396 -29.19 31.48 -21.85
N VAL B 397 -30.35 30.99 -22.24
CA VAL B 397 -31.61 31.69 -21.97
C VAL B 397 -32.16 31.45 -20.56
N ARG B 398 -32.27 30.17 -20.22
CA ARG B 398 -32.82 29.75 -18.93
C ARG B 398 -31.94 30.25 -17.81
N LEU B 399 -30.77 30.73 -18.19
CA LEU B 399 -29.83 31.24 -17.21
C LEU B 399 -30.07 32.71 -16.87
N LYS B 400 -30.73 33.44 -17.77
CA LYS B 400 -31.03 34.85 -17.56
C LYS B 400 -32.46 35.06 -17.09
N ASP B 401 -33.15 33.97 -16.80
CA ASP B 401 -34.53 33.95 -16.32
C ASP B 401 -34.68 34.70 -15.02
N ALA B 402 -35.69 35.53 -14.89
CA ALA B 402 -35.87 36.27 -13.68
C ALA B 402 -36.89 35.72 -12.71
N SER B 403 -36.75 34.44 -12.42
CA SER B 403 -37.67 33.76 -11.53
C SER B 403 -36.84 33.17 -10.41
N GLU B 404 -37.55 32.49 -9.52
CA GLU B 404 -37.03 31.83 -8.35
C GLU B 404 -36.29 30.61 -8.80
N GLU B 405 -36.75 30.08 -9.92
CA GLU B 405 -36.15 28.90 -10.51
C GLU B 405 -34.86 29.31 -11.17
N GLY B 406 -34.87 30.49 -11.78
CA GLY B 406 -33.66 31.00 -12.42
C GLY B 406 -32.57 31.25 -11.40
N ALA B 407 -32.92 31.52 -10.18
CA ALA B 407 -31.94 31.75 -9.20
C ALA B 407 -31.31 30.47 -8.77
N LYS B 408 -32.12 29.46 -8.42
CA LYS B 408 -31.59 28.19 -7.96
C LYS B 408 -30.60 27.75 -9.01
N ARG B 409 -31.04 27.92 -10.26
CA ARG B 409 -30.27 27.59 -11.44
C ARG B 409 -28.96 28.35 -11.43
N ARG B 410 -28.98 29.65 -11.36
CA ARG B 410 -27.75 30.35 -11.34
C ARG B 410 -26.88 29.90 -10.17
N ALA B 411 -27.49 29.60 -9.06
CA ALA B 411 -26.72 29.16 -7.95
C ALA B 411 -26.16 27.82 -8.20
N ALA B 412 -26.93 26.95 -8.83
CA ALA B 412 -26.47 25.60 -9.11
C ALA B 412 -25.26 25.58 -9.97
N LEU B 413 -25.22 26.46 -10.94
CA LEU B 413 -24.09 26.56 -11.81
C LEU B 413 -22.89 27.14 -11.11
N ARG B 414 -23.14 28.06 -10.17
CA ARG B 414 -22.05 28.69 -9.43
C ARG B 414 -21.38 27.67 -8.50
N LYS B 415 -22.17 26.74 -7.99
CA LYS B 415 -21.66 25.71 -7.09
C LYS B 415 -20.85 24.71 -7.89
N ALA B 416 -21.44 24.25 -9.00
CA ALA B 416 -20.77 23.30 -9.87
C ALA B 416 -19.40 23.82 -10.31
N MET B 417 -19.36 25.08 -10.74
CA MET B 417 -18.12 25.71 -11.17
C MET B 417 -17.10 25.74 -10.05
N ASP B 418 -17.53 26.22 -8.88
CA ASP B 418 -16.64 26.29 -7.72
C ASP B 418 -16.18 24.92 -7.23
N ALA B 419 -16.73 23.87 -7.83
CA ALA B 419 -16.38 22.50 -7.45
C ALA B 419 -15.20 21.99 -8.28
N THR B 420 -14.94 22.65 -9.40
CA THR B 420 -13.86 22.28 -10.29
C THR B 420 -12.53 22.82 -9.92
N ILE B 421 -12.47 23.66 -8.89
CA ILE B 421 -11.22 24.26 -8.45
C ILE B 421 -10.18 23.24 -7.95
N ILE B 422 -10.66 22.14 -7.38
CA ILE B 422 -9.77 21.10 -6.87
C ILE B 422 -8.73 20.72 -7.92
N GLY B 423 -9.15 20.69 -9.18
CA GLY B 423 -8.25 20.36 -10.28
C GLY B 423 -7.55 21.54 -10.93
N LEU B 424 -7.81 22.75 -10.46
CA LEU B 424 -7.20 23.91 -11.06
C LEU B 424 -6.51 24.88 -10.13
N GLY B 425 -5.78 24.36 -9.15
CA GLY B 425 -5.03 25.21 -8.24
C GLY B 425 -5.55 25.15 -6.82
N GLY B 426 -6.53 24.29 -6.58
CA GLY B 426 -7.11 24.14 -5.26
C GLY B 426 -6.49 23.02 -4.43
N GLY B 427 -5.86 22.06 -5.09
CA GLY B 427 -5.24 20.95 -4.39
C GLY B 427 -3.88 21.28 -3.82
N HIS B 428 -3.77 22.31 -3.00
CA HIS B 428 -2.51 22.68 -2.38
C HIS B 428 -2.01 21.58 -1.48
N GLY B 429 -2.94 20.97 -0.75
CA GLY B 429 -2.61 19.86 0.13
C GLY B 429 -1.96 18.77 -0.70
N VAL B 430 -2.61 18.35 -1.75
CA VAL B 430 -2.08 17.37 -2.60
C VAL B 430 -0.69 17.69 -3.08
N GLU B 431 -0.42 18.88 -3.53
CA GLU B 431 0.89 19.18 -4.03
C GLU B 431 2.01 19.09 -3.03
N LEU B 432 1.73 19.36 -1.77
CA LEU B 432 2.71 19.46 -0.73
C LEU B 432 2.69 18.62 0.53
N ASN B 433 1.59 17.96 0.84
CA ASN B 433 1.52 17.21 2.08
C ASN B 433 2.20 15.88 2.07
N GLN B 434 3.40 15.81 1.53
CA GLN B 434 4.14 14.53 1.50
C GLN B 434 4.53 14.01 2.89
N ARG B 435 4.06 12.81 3.22
CA ARG B 435 4.37 12.17 4.48
C ARG B 435 5.22 10.94 4.18
N TYR B 436 6.43 10.87 4.70
CA TYR B 436 7.31 9.75 4.44
C TYR B 436 7.57 8.80 5.59
N VAL B 437 7.20 7.55 5.43
CA VAL B 437 7.50 6.50 6.41
C VAL B 437 8.50 5.54 5.76
N SER B 438 9.64 5.36 6.39
CA SER B 438 10.68 4.47 5.86
C SER B 438 11.97 4.52 6.68
N ARG B 439 12.88 3.61 6.42
CA ARG B 439 14.13 3.55 7.11
C ARG B 439 14.91 4.81 6.96
N ALA B 440 14.65 5.59 5.94
CA ALA B 440 15.36 6.86 5.79
C ALA B 440 14.79 7.99 6.56
N VAL B 441 13.82 7.68 7.42
CA VAL B 441 13.13 8.67 8.22
C VAL B 441 13.05 8.17 9.66
N PHE B 442 14.00 8.61 10.46
CA PHE B 442 14.05 8.22 11.87
C PHE B 442 12.91 8.85 12.67
N PRO B 443 11.91 7.99 13.08
CA PRO B 443 10.83 8.65 13.84
C PRO B 443 11.32 9.26 15.15
N ASP B 444 10.51 10.15 15.72
CA ASP B 444 10.85 10.81 16.97
C ASP B 444 10.07 10.31 18.19
N GLY B 445 9.05 9.49 17.93
CA GLY B 445 8.24 8.97 19.02
C GLY B 445 6.86 9.60 19.00
N THR B 446 6.78 10.89 18.69
CA THR B 446 5.48 11.56 18.66
C THR B 446 4.51 10.94 17.65
N PRO B 447 3.24 10.84 18.02
CA PRO B 447 2.22 10.26 17.13
C PRO B 447 1.80 11.24 16.03
N ASP B 448 1.42 10.71 14.88
CA ASP B 448 0.99 11.56 13.76
C ASP B 448 -0.12 12.49 14.23
N PRO B 449 0.15 13.78 14.04
CA PRO B 449 -0.73 14.86 14.44
C PRO B 449 -2.00 15.05 13.62
N GLY B 450 -2.09 14.50 12.41
CA GLY B 450 -3.26 14.65 11.58
C GLY B 450 -3.30 16.00 10.89
N PHE B 451 -4.33 16.20 10.12
CA PHE B 451 -4.48 17.41 9.47
C PHE B 451 -5.66 18.06 10.10
N VAL B 452 -5.58 19.31 10.44
CA VAL B 452 -6.70 19.97 11.04
C VAL B 452 -7.76 20.23 10.02
N ARG B 453 -7.35 20.55 8.79
CA ARG B 453 -8.28 20.81 7.70
C ARG B 453 -8.17 19.70 6.66
N ASP B 454 -8.88 19.86 5.54
CA ASP B 454 -8.83 18.87 4.48
C ASP B 454 -7.41 18.81 3.95
N GLN B 455 -6.84 17.61 3.93
CA GLN B 455 -5.45 17.40 3.49
C GLN B 455 -5.18 17.48 1.99
N GLU B 456 -6.25 17.56 1.19
CA GLU B 456 -6.11 17.64 -0.26
C GLU B 456 -6.13 19.11 -0.66
N PHE B 457 -6.95 19.88 0.00
CA PHE B 457 -7.11 21.27 -0.28
C PHE B 457 -6.20 22.28 0.34
N PHE B 458 -5.73 21.99 1.52
CA PHE B 458 -4.85 22.88 2.23
C PHE B 458 -3.64 22.22 2.71
N TYR B 459 -2.52 22.89 2.68
CA TYR B 459 -1.28 22.34 3.17
C TYR B 459 -1.11 22.50 4.67
N GLN B 460 -0.55 21.52 5.34
CA GLN B 460 -0.30 21.66 6.76
C GLN B 460 1.15 21.46 7.04
N ALA B 461 1.81 22.53 7.48
CA ALA B 461 3.24 22.51 7.76
C ALA B 461 3.53 21.59 8.92
N SER B 462 4.65 20.89 8.88
CA SER B 462 4.99 20.05 9.97
C SER B 462 6.44 19.83 10.08
N THR B 463 6.94 19.76 11.29
CA THR B 463 8.34 19.49 11.45
C THR B 463 8.62 18.10 12.00
N ARG B 464 7.62 17.26 12.11
CA ARG B 464 7.85 15.92 12.56
C ARG B 464 8.60 15.23 11.50
N PRO B 465 9.44 14.20 11.91
CA PRO B 465 10.14 13.54 10.80
C PRO B 465 9.21 12.94 9.77
N GLY B 466 9.63 13.00 8.53
CA GLY B 466 8.85 12.49 7.43
C GLY B 466 8.23 13.58 6.65
N ALA B 467 8.25 14.78 7.13
CA ALA B 467 7.65 15.84 6.43
C ALA B 467 8.70 16.74 5.91
N HIS B 468 8.21 17.23 5.30
CA HIS B 468 9.26 18.50 4.32
C HIS B 468 9.50 19.66 5.24
N LEU B 469 10.69 20.12 5.34
CA LEU B 469 11.01 21.22 6.21
C LEU B 469 10.18 22.42 5.86
N PRO B 470 9.51 23.01 6.81
CA PRO B 470 8.68 24.15 6.54
C PRO B 470 9.37 25.42 6.18
N HIS B 471 8.72 26.19 5.33
CA HIS B 471 9.27 27.48 5.04
C HIS B 471 8.87 28.59 5.95
N VAL B 472 9.86 29.40 6.24
CA VAL B 472 9.73 30.64 7.00
C VAL B 472 10.88 31.52 6.63
N TRP B 473 10.69 32.82 6.71
CA TRP B 473 11.77 33.70 6.42
C TRP B 473 12.69 34.05 7.57
N LEU B 474 13.99 33.94 7.36
CA LEU B 474 14.96 34.35 8.34
C LEU B 474 15.69 35.42 7.62
N THR B 475 16.72 35.97 8.22
CA THR B 475 17.55 36.96 7.54
C THR B 475 19.00 36.55 7.68
N GLU B 476 19.77 36.97 6.69
CA GLU B 476 21.20 36.68 6.62
C GLU B 476 21.99 37.95 6.89
N ASN B 477 21.87 38.93 6.02
CA ASN B 477 22.59 40.16 6.21
C ASN B 477 21.63 41.27 5.98
N GLN B 478 20.60 41.14 6.74
CA GLN B 478 19.38 41.92 6.84
C GLN B 478 18.66 41.72 5.52
N ARG B 479 18.87 40.57 4.96
CA ARG B 479 18.16 40.22 3.74
C ARG B 479 17.41 38.90 3.92
N ARG B 480 16.17 38.85 3.47
CA ARG B 480 15.35 37.65 3.61
C ARG B 480 15.86 36.36 2.95
N ILE B 481 16.10 35.32 3.74
CA ILE B 481 16.55 34.06 3.21
C ILE B 481 15.64 33.02 3.78
N SER B 482 15.27 32.02 3.00
CA SER B 482 14.37 30.96 3.41
C SER B 482 14.96 29.80 4.15
N THR B 483 14.27 29.24 5.13
CA THR B 483 14.82 28.11 5.84
C THR B 483 15.28 27.09 4.87
N LEU B 484 14.66 27.05 3.72
CA LEU B 484 15.06 26.12 2.67
C LEU B 484 16.42 26.41 2.03
N ASP B 485 16.79 27.66 2.01
CA ASP B 485 18.02 28.09 1.45
C ASP B 485 19.17 27.66 2.29
N LEU B 486 18.92 27.33 3.53
CA LEU B 486 19.93 26.95 4.47
C LEU B 486 20.31 25.55 4.33
N CYS B 487 19.42 24.82 3.71
CA CYS B 487 19.55 23.43 3.50
C CYS B 487 19.65 23.00 2.07
N GLY B 488 19.83 21.73 1.87
CA GLY B 488 19.87 21.05 0.61
C GLY B 488 20.73 20.97 -0.61
N LYS B 489 22.03 20.96 -0.47
CA LYS B 489 22.86 20.81 -1.65
C LYS B 489 23.48 19.46 -1.76
N GLY B 490 22.65 18.43 -1.91
CA GLY B 490 23.10 17.08 -1.91
C GLY B 490 23.87 16.85 -0.65
N ARG B 491 23.47 17.54 0.39
CA ARG B 491 24.12 17.44 1.65
C ARG B 491 23.12 17.47 2.79
N PHE B 492 23.52 16.94 3.92
CA PHE B 492 22.60 16.95 5.13
C PHE B 492 22.69 18.26 6.03
N THR B 493 21.65 18.75 6.68
CA THR B 493 21.80 19.97 7.48
C THR B 493 21.09 19.97 8.80
N LEU B 494 21.71 20.44 9.84
CA LEU B 494 21.08 20.44 11.14
C LEU B 494 20.76 21.85 11.62
N LEU B 495 19.49 22.13 11.89
CA LEU B 495 19.02 23.45 12.30
C LEU B 495 18.65 23.54 13.77
N THR B 496 19.31 24.44 14.49
CA THR B 496 19.06 24.64 15.91
C THR B 496 19.25 26.12 16.27
N GLY B 497 19.20 26.42 17.54
CA GLY B 497 19.36 27.77 17.99
C GLY B 497 20.52 27.94 18.91
N LEU B 498 20.65 29.10 19.51
CA LEU B 498 21.74 29.39 20.40
C LEU B 498 21.69 28.26 21.86
N SER B 499 20.77 28.07 22.19
CA SER B 499 20.80 27.18 23.35
C SER B 499 21.18 25.73 23.01
N GLY B 500 21.23 25.43 21.71
CA GLY B 500 21.56 24.10 21.25
C GLY B 500 22.93 24.11 20.62
N ALA B 501 23.82 24.92 21.17
CA ALA B 501 25.19 25.05 20.66
C ALA B 501 25.91 23.70 20.60
N ALA B 502 25.57 22.81 21.54
CA ALA B 502 26.18 21.50 21.61
C ALA B 502 25.96 20.68 20.34
N TRP B 503 25.05 21.08 19.50
CA TRP B 503 24.75 20.36 18.29
C TRP B 503 25.82 20.47 17.27
N LYS B 504 26.59 21.55 17.35
CA LYS B 504 27.69 21.77 16.42
C LYS B 504 28.81 20.76 16.66
N HIS B 505 28.99 20.38 17.89
CA HIS B 505 30.01 19.42 18.25
C HIS B 505 29.52 18.03 17.97
N GLU B 506 28.31 17.72 18.40
CA GLU B 506 27.72 16.42 18.17
C GLU B 506 27.71 16.09 16.68
N ALA B 507 27.44 17.08 15.87
CA ALA B 507 27.41 16.91 14.45
C ALA B 507 28.76 16.67 13.88
N GLU B 508 29.76 17.36 14.44
CA GLU B 508 31.14 17.23 14.01
C GLU B 508 31.65 15.81 14.25
N GLN B 509 31.34 15.29 15.44
CA GLN B 509 31.76 13.95 15.83
C GLN B 509 31.10 12.94 14.93
N VAL B 510 29.81 13.08 14.72
CA VAL B 510 29.11 12.16 13.88
C VAL B 510 29.54 12.23 12.44
N SER B 511 29.91 13.42 11.97
CA SER B 511 30.32 13.66 10.61
C SER B 511 31.67 13.10 10.25
N GLN B 512 32.61 13.26 11.18
CA GLN B 512 33.97 12.76 11.00
C GLN B 512 34.01 11.23 11.04
N SER B 513 33.21 10.64 11.89
CA SER B 513 33.19 9.20 12.02
C SER B 513 32.34 8.48 11.00
N LEU B 514 31.35 9.18 10.47
CA LEU B 514 30.46 8.60 9.47
C LEU B 514 30.85 9.04 8.06
N GLY B 515 31.98 9.69 7.94
CA GLY B 515 32.45 10.15 6.66
C GLY B 515 31.38 10.80 5.86
N ILE B 516 30.56 11.60 6.52
CA ILE B 516 29.45 12.27 5.85
C ILE B 516 29.39 13.75 6.17
N GLU B 517 29.09 14.56 5.16
CA GLU B 517 29.00 16.00 5.33
C GLU B 517 27.73 16.39 6.07
N LEU B 518 27.89 17.04 7.22
CA LEU B 518 26.74 17.46 8.02
C LEU B 518 26.88 18.92 8.44
N LYS B 519 26.13 19.80 7.77
CA LYS B 519 26.17 21.22 8.07
C LYS B 519 25.22 21.58 9.21
N VAL B 520 25.71 22.37 10.17
CA VAL B 520 24.90 22.79 11.30
C VAL B 520 24.71 24.29 11.34
N CYS B 521 23.47 24.73 11.38
CA CYS B 521 23.18 26.15 11.43
C CYS B 521 22.55 26.51 12.73
N VAL B 522 23.22 27.37 13.49
CA VAL B 522 22.71 27.85 14.76
C VAL B 522 22.03 29.19 14.49
N ILE B 523 20.72 29.17 14.35
CA ILE B 523 19.91 30.34 14.07
C ILE B 523 19.59 31.17 15.31
N GLY B 524 19.93 32.45 15.25
CA GLY B 524 19.68 33.33 16.39
C GLY B 524 20.26 34.72 16.25
N PRO B 525 20.07 35.55 17.35
CA PRO B 525 20.65 36.90 17.20
C PRO B 525 22.17 36.88 17.18
N GLY B 526 22.75 37.70 16.30
CA GLY B 526 24.19 37.78 16.18
C GLY B 526 24.80 36.62 15.41
N GLN B 527 23.97 35.75 14.90
CA GLN B 527 24.45 34.63 14.14
C GLN B 527 24.44 34.88 12.69
N GLU B 528 24.83 33.89 11.90
CA GLU B 528 24.88 34.01 10.45
C GLU B 528 23.53 34.17 9.91
N PHE B 529 22.58 33.40 10.44
CA PHE B 529 21.20 33.47 10.04
C PHE B 529 20.49 33.88 11.30
N VAL B 530 19.49 34.74 11.18
CA VAL B 530 18.79 35.23 12.35
C VAL B 530 17.30 35.07 12.21
N ASP B 531 16.68 34.69 13.31
CA ASP B 531 15.26 34.55 13.38
C ASP B 531 14.68 35.90 13.59
N THR B 532 14.90 36.79 12.64
CA THR B 532 14.44 38.17 12.65
C THR B 532 12.96 38.40 12.91
N TYR B 533 12.13 37.58 12.28
CA TYR B 533 10.68 37.68 12.43
C TYR B 533 10.10 36.65 13.40
N GLY B 534 10.97 36.00 14.17
CA GLY B 534 10.55 35.00 15.14
C GLY B 534 9.68 33.87 14.58
N GLU B 535 9.62 33.80 13.26
CA GLU B 535 8.84 32.78 12.58
C GLU B 535 9.41 31.38 12.77
N TYR B 536 10.72 31.24 12.92
CA TYR B 536 11.31 29.93 13.15
C TYR B 536 10.90 29.42 14.53
N ALA B 537 11.06 30.22 15.54
CA ALA B 537 10.64 29.81 16.84
C ALA B 537 9.20 29.39 16.81
N LYS B 538 8.46 29.98 15.95
CA LYS B 538 7.10 29.67 15.88
C LYS B 538 6.78 28.39 15.13
N ILE B 539 7.44 28.15 14.04
CA ILE B 539 7.11 26.98 13.28
C ILE B 539 7.87 25.72 13.56
N SER B 540 8.88 25.74 14.41
CA SER B 540 9.67 24.55 14.67
C SER B 540 9.07 23.50 15.55
N GLU B 541 8.14 23.90 16.41
CA GLU B 541 7.46 23.01 17.29
C GLU B 541 8.25 22.44 18.40
N ILE B 542 9.45 22.97 18.61
CA ILE B 542 10.35 22.51 19.65
C ILE B 542 11.08 23.66 20.32
N GLY B 543 11.75 23.37 21.43
CA GLY B 543 12.49 24.38 22.15
C GLY B 543 13.68 24.90 21.37
N GLU B 544 14.10 26.12 21.65
CA GLU B 544 15.22 26.76 20.97
C GLU B 544 16.47 25.88 20.94
N SER B 545 16.52 24.85 21.76
CA SER B 545 17.67 23.95 21.84
C SER B 545 17.48 22.68 21.09
N GLY B 546 16.27 22.47 20.58
CA GLY B 546 15.97 21.30 19.80
C GLY B 546 16.60 21.42 18.42
N ALA B 547 16.67 20.32 17.71
CA ALA B 547 17.24 20.33 16.40
C ALA B 547 16.48 19.54 15.35
N LEU B 548 16.53 20.03 14.11
CA LEU B 548 15.85 19.35 13.01
C LEU B 548 16.85 18.94 11.95
N LEU B 549 17.04 17.65 11.68
CA LEU B 549 17.97 17.20 10.65
C LEU B 549 17.21 17.12 9.34
N VAL B 550 17.72 17.76 8.29
CA VAL B 550 17.09 17.81 7.00
C VAL B 550 17.87 17.07 5.96
N ARG B 551 17.22 16.23 5.19
CA ARG B 551 17.92 15.47 4.19
C ARG B 551 18.13 16.25 2.96
N PRO B 552 19.12 15.75 2.14
CA PRO B 552 19.37 16.52 0.92
C PRO B 552 18.17 16.86 0.10
N ASP B 553 17.04 16.20 0.32
CA ASP B 553 15.82 16.47 -0.42
C ASP B 553 14.94 17.50 0.28
N MET B 554 15.35 18.03 1.40
CA MET B 554 14.53 19.01 2.05
C MET B 554 13.55 18.43 3.02
N PHE B 555 13.66 17.17 3.25
CA PHE B 555 12.76 16.50 4.18
C PHE B 555 13.41 16.35 5.55
N ILE B 556 12.60 16.36 6.61
CA ILE B 556 13.13 16.22 7.96
C ILE B 556 13.07 14.74 8.36
N ALA B 557 14.23 14.18 8.65
CA ALA B 557 14.31 12.77 9.03
C ALA B 557 14.57 12.54 10.52
N PHE B 558 15.02 13.57 11.22
CA PHE B 558 15.29 13.45 12.63
C PHE B 558 14.88 14.73 13.32
N ARG B 559 14.34 14.60 14.52
CA ARG B 559 13.91 15.77 15.30
C ARG B 559 14.08 15.54 16.80
N ALA B 560 14.91 16.36 17.42
CA ALA B 560 15.22 16.36 18.85
C ALA B 560 14.57 17.52 19.58
N LYS B 561 13.98 17.27 20.72
CA LYS B 561 13.30 18.33 21.43
C LYS B 561 14.14 19.31 22.20
N ASP B 562 15.33 18.88 22.57
CA ASP B 562 16.24 19.69 23.34
C ASP B 562 17.65 19.27 23.14
N ALA B 563 18.56 19.91 23.89
CA ALA B 563 19.98 19.60 23.79
C ALA B 563 20.51 18.67 24.87
N SER B 564 19.62 18.06 25.63
CA SER B 564 19.98 17.14 26.68
C SER B 564 20.84 15.99 26.17
N ARG B 565 21.68 15.48 27.04
CA ARG B 565 22.59 14.41 26.71
C ARG B 565 21.96 13.27 25.96
N GLU B 566 20.71 12.95 26.24
CA GLU B 566 19.98 11.89 25.58
C GLU B 566 19.68 12.38 24.17
N GLY B 567 19.20 13.61 24.08
CA GLY B 567 18.91 14.19 22.78
C GLY B 567 20.14 14.15 21.91
N LEU B 568 21.26 14.65 22.42
CA LEU B 568 22.51 14.68 21.66
C LEU B 568 23.03 13.28 21.25
N GLU B 569 22.92 12.32 22.16
CA GLU B 569 23.41 10.96 21.92
C GLU B 569 22.63 10.22 20.84
N GLN B 570 21.47 10.71 20.51
CA GLN B 570 20.67 10.06 19.52
C GLN B 570 20.99 10.42 18.08
N LEU B 571 21.62 11.56 17.87
CA LEU B 571 21.97 11.99 16.52
C LEU B 571 22.68 10.89 15.74
N ASN B 572 23.70 10.31 16.36
CA ASN B 572 24.48 9.26 15.77
C ASN B 572 23.66 8.02 15.41
N VAL B 573 22.76 7.63 16.29
CA VAL B 573 21.91 6.50 16.07
C VAL B 573 20.97 6.73 14.91
N ALA B 574 20.57 7.95 14.69
CA ALA B 574 19.68 8.25 13.61
C ALA B 574 20.38 8.29 12.29
N VAL B 575 21.52 8.95 12.24
CA VAL B 575 22.30 9.03 11.01
C VAL B 575 22.67 7.62 10.53
N LYS B 576 23.27 6.84 11.43
CA LYS B 576 23.66 5.47 11.10
C LYS B 576 22.47 4.68 10.60
N SER B 577 21.32 4.92 11.23
CA SER B 577 20.08 4.25 10.85
C SER B 577 19.69 4.67 9.45
N ILE B 578 19.58 5.99 9.23
CA ILE B 578 19.20 6.52 7.92
C ILE B 578 20.12 6.03 6.79
N LEU B 579 21.38 5.84 7.12
CA LEU B 579 22.37 5.38 6.18
C LEU B 579 22.47 3.88 6.05
N GLY B 580 21.78 3.16 6.92
CA GLY B 580 21.79 1.71 6.90
C GLY B 580 23.11 1.13 7.37
N ARG B 581 23.63 1.67 8.45
CA ARG B 581 24.88 1.22 9.02
C ARG B 581 24.97 0.94 10.51
PA FAD C . -16.93 -12.30 14.08
O1A FAD C . -16.78 -13.51 14.98
O2A FAD C . -18.22 -12.07 13.34
O5B FAD C . -16.60 -10.99 14.94
C5B FAD C . -17.65 -10.14 15.41
C4B FAD C . -18.19 -10.70 16.72
O4B FAD C . -18.30 -9.64 17.68
C3B FAD C . -19.58 -11.28 16.54
O3B FAD C . -19.58 -12.66 16.91
C2B FAD C . -20.50 -10.50 17.46
O2B FAD C . -21.10 -11.38 18.41
C1B FAD C . -19.63 -9.47 18.15
N9A FAD C . -20.12 -8.11 17.83
C8A FAD C . -20.37 -7.62 16.60
N7A FAD C . -20.79 -6.34 16.65
C5A FAD C . -20.82 -5.98 17.95
C6A FAD C . -21.18 -4.76 18.70
N6A FAD C . -21.59 -3.63 18.06
N1A FAD C . -21.07 -4.79 20.05
C2A FAD C . -20.65 -5.89 20.69
N3A FAD C . -20.31 -7.04 20.07
C4A FAD C . -20.37 -7.14 18.72
N1 FAD C . -15.46 -18.27 6.29
C2 FAD C . -14.93 -19.36 5.69
O2 FAD C . -13.69 -19.38 5.47
N3 FAD C . -15.66 -20.42 5.33
C4 FAD C . -16.99 -20.49 5.54
O4 FAD C . -17.65 -21.49 5.20
C4X FAD C . -17.65 -19.32 6.19
N5 FAD C . -18.98 -19.31 6.44
C5X FAD C . -19.55 -18.23 7.03
C6 FAD C . -20.92 -18.23 7.27
C7 FAD C . -21.52 -17.13 7.89
C7M FAD C . -23.00 -17.13 8.14
C8 FAD C . -20.70 -15.96 8.28
C8M FAD C . -21.35 -14.77 8.93
C9 FAD C . -19.33 -15.96 8.04
C9A FAD C . -18.73 -17.05 7.43
N10 FAD C . -17.35 -17.06 7.18
C10 FAD C . -16.78 -18.19 6.56
C1' FAD C . -16.51 -15.91 7.56
C2' FAD C . -15.87 -16.18 8.92
O2' FAD C . -16.89 -16.34 9.90
C3' FAD C . -14.94 -15.04 9.33
O3' FAD C . -13.76 -15.08 8.52
C4' FAD C . -14.57 -15.13 10.79
O4' FAD C . -15.76 -15.29 11.58
C5' FAD C . -13.82 -13.89 11.25
O5' FAD C . -13.77 -13.86 12.67
P FAD C . -14.21 -12.53 13.48
O1P FAD C . -13.39 -11.37 12.96
O2P FAD C . -14.21 -12.86 14.95
O3P FAD C . -15.73 -12.33 13.00
PA FAD D . 8.70 11.44 -20.73
O1A FAD D . 9.45 12.74 -20.94
O2A FAD D . 7.79 10.91 -21.81
O5B FAD D . 9.78 10.30 -20.37
C5B FAD D . 10.21 9.37 -21.36
C4B FAD D . 11.38 9.95 -22.14
O4B FAD D . 12.38 8.94 -22.31
C3B FAD D . 10.95 10.42 -23.52
O3B FAD D . 11.23 11.82 -23.66
C2B FAD D . 11.78 9.63 -24.51
O2B FAD D . 12.58 10.52 -25.30
C1B FAD D . 12.67 8.71 -23.69
N9A FAD D . 12.38 7.29 -24.03
C8A FAD D . 11.16 6.72 -24.03
N7A FAD D . 11.24 5.41 -24.40
C5A FAD D . 12.53 5.14 -24.64
C6A FAD D . 13.31 3.94 -25.06
N6A FAD D . 12.70 2.76 -25.30
N1A FAD D . 14.65 4.08 -25.19
C2A FAD D . 15.27 5.25 -24.96
N3A FAD D . 14.63 6.38 -24.57
C4A FAD D . 13.28 6.38 -24.40
N1 FAD D . 0.46 16.93 -18.49
C2 FAD D . -0.22 18.06 -18.15
O2 FAD D . -0.39 18.32 -16.94
N3 FAD D . -0.74 18.90 -19.08
C4 FAD D . -0.60 18.68 -20.39
O4 FAD D . -1.08 19.49 -21.22
C4X FAD D . 0.15 17.48 -20.84
N5 FAD D . 0.32 17.20 -22.15
C5X FAD D . 1.01 16.09 -22.52
C6 FAD D . 1.18 15.82 -23.87
C7 FAD D . 1.88 14.68 -24.27
C7M FAD D . 2.07 14.40 -25.74
C8 FAD D . 2.44 13.76 -23.26
C8M FAD D . 3.19 12.53 -23.68
C9 FAD D . 2.26 14.03 -21.91
C9A FAD D . 1.57 15.16 -21.50
N10 FAD D . 1.39 15.44 -20.14
C10 FAD D . 0.68 16.60 -19.78
C1' FAD D . 1.92 14.54 -19.11
C2' FAD D . 3.39 14.90 -18.84
O2' FAD D . 4.03 15.22 -20.08
C3' FAD D . 4.11 13.74 -18.18
O3' FAD D . 3.50 13.44 -16.92
C4' FAD D . 5.59 14.07 -17.95
O4' FAD D . 6.22 14.29 -19.22
C5' FAD D . 6.30 12.94 -17.22
O5' FAD D . 7.71 13.09 -17.37
P FAD D . 8.60 11.89 -17.97
O1P FAD D . 8.44 10.69 -17.07
O2P FAD D . 9.97 12.42 -18.27
O3P FAD D . 7.85 11.56 -19.37
#